data_6J61
#
_entry.id   6J61
#
_cell.length_a   144.027
_cell.length_b   68.362
_cell.length_c   134.083
_cell.angle_alpha   90.00
_cell.angle_beta   115.12
_cell.angle_gamma   90.00
#
_symmetry.space_group_name_H-M   'C 1 2 1'
#
loop_
_entity.id
_entity.type
_entity.pdbx_description
1 polymer 'Flavin-dependent thymidylate synthase'
2 non-polymer 'FLAVIN-ADENINE DINUCLEOTIDE'
3 non-polymer 'PHOSPHATE ION'
4 water water
#
_entity_poly.entity_id   1
_entity_poly.type   'polypeptide(L)'
_entity_poly.pdbx_seq_one_letter_code
;MEGPLTIPVLDKGFVRLVDQMGDDRAIVQAARVSYGEGTKTVREDAALIDYLMRHRHTSPFEMVVFKFHVKAPIFVARQW
FRHRTASVNEISGRYSILKEEFYEPEAFRKQAKRNKQASEGALLDEEALALLRKVQQEAYGAYRALLEKGVAREMARMVL
PLNLYTEFYWKQDLHNLFHFLKLRLAPEAQWEIRQYARAIAEIVKERVPLAWAAFEEHLLEGAFLSRTELRALRGLLTPE
VYEKALSSLGLGGSRLKEALEKVFGPGEAL
;
_entity_poly.pdbx_strand_id   A,B,C,D
#
loop_
_chem_comp.id
_chem_comp.type
_chem_comp.name
_chem_comp.formula
FAD non-polymer 'FLAVIN-ADENINE DINUCLEOTIDE' 'C27 H33 N9 O15 P2'
PO4 non-polymer 'PHOSPHATE ION' 'O4 P -3'
#
# COMPACT_ATOMS: atom_id res chain seq x y z
N LEU A 5 19.17 -16.53 -12.24
CA LEU A 5 19.48 -16.72 -13.67
C LEU A 5 19.04 -15.49 -14.45
N THR A 6 19.40 -15.44 -15.73
CA THR A 6 19.05 -14.32 -16.59
C THR A 6 18.29 -14.84 -17.78
N ILE A 7 17.37 -14.04 -18.31
CA ILE A 7 16.62 -14.46 -19.48
C ILE A 7 16.50 -13.30 -20.44
N PRO A 8 16.85 -13.51 -21.71
CA PRO A 8 16.73 -12.39 -22.66
C PRO A 8 15.29 -12.18 -23.07
N VAL A 9 14.92 -10.93 -23.28
CA VAL A 9 13.57 -10.60 -23.74
C VAL A 9 13.72 -9.52 -24.78
N LEU A 10 12.94 -9.63 -25.84
CA LEU A 10 12.98 -8.68 -26.94
C LEU A 10 14.38 -8.63 -27.53
N ASP A 11 14.66 -7.59 -28.29
CA ASP A 11 15.96 -7.47 -28.94
C ASP A 11 17.11 -7.22 -27.99
N LYS A 12 16.96 -6.29 -27.05
CA LYS A 12 18.04 -5.98 -26.13
C LYS A 12 17.72 -6.01 -24.63
N GLY A 13 16.53 -6.48 -24.27
CA GLY A 13 16.18 -6.51 -22.86
C GLY A 13 16.50 -7.81 -22.13
N PHE A 14 16.09 -7.90 -20.86
CA PHE A 14 16.34 -9.10 -20.08
C PHE A 14 15.67 -9.08 -18.70
N VAL A 15 15.71 -10.22 -18.02
CA VAL A 15 15.16 -10.36 -16.69
C VAL A 15 16.19 -11.23 -15.96
N ARG A 16 16.69 -10.73 -14.83
CA ARG A 16 17.69 -11.44 -14.03
C ARG A 16 17.28 -11.54 -12.56
N LEU A 17 17.29 -12.73 -11.99
CA LEU A 17 16.93 -12.87 -10.58
C LEU A 17 18.09 -12.41 -9.70
N VAL A 18 17.93 -11.29 -9.02
CA VAL A 18 19.00 -10.78 -8.18
C VAL A 18 19.03 -11.52 -6.85
N ASP A 19 17.90 -11.55 -6.14
CA ASP A 19 17.86 -12.28 -4.86
C ASP A 19 16.49 -12.92 -4.66
N GLN A 20 16.37 -13.74 -3.62
CA GLN A 20 15.12 -14.42 -3.32
C GLN A 20 15.06 -14.77 -1.85
N MET A 21 13.95 -14.45 -1.20
CA MET A 21 13.78 -14.77 0.21
C MET A 21 12.68 -15.82 0.39
N GLY A 22 13.11 -17.05 0.67
CA GLY A 22 12.16 -18.14 0.88
C GLY A 22 11.71 -18.83 -0.38
N ASP A 23 11.19 -20.04 -0.21
CA ASP A 23 10.67 -20.85 -1.31
C ASP A 23 9.38 -21.50 -0.81
N ASP A 24 8.93 -22.58 -1.45
CA ASP A 24 7.69 -23.26 -1.04
C ASP A 24 7.63 -23.52 0.47
N ARG A 25 8.77 -23.82 1.07
CA ARG A 25 8.83 -24.10 2.51
C ARG A 25 8.47 -22.90 3.36
N ALA A 26 8.79 -21.70 2.84
CA ALA A 26 8.51 -20.47 3.57
C ALA A 26 7.01 -20.19 3.69
N ILE A 27 6.26 -20.51 2.63
CA ILE A 27 4.82 -20.30 2.63
C ILE A 27 4.20 -21.14 3.74
N VAL A 28 4.52 -22.43 3.70
CA VAL A 28 4.02 -23.39 4.67
C VAL A 28 4.47 -23.06 6.11
N GLN A 29 5.72 -22.62 6.24
CA GLN A 29 6.27 -22.25 7.54
C GLN A 29 5.48 -21.09 8.16
N ALA A 30 5.32 -20.01 7.39
CA ALA A 30 4.58 -18.84 7.86
C ALA A 30 3.12 -19.21 8.14
N ALA A 31 2.56 -20.07 7.31
CA ALA A 31 1.18 -20.50 7.49
C ALA A 31 1.04 -21.19 8.83
N ARG A 32 2.05 -21.95 9.22
CA ARG A 32 1.98 -22.65 10.50
C ARG A 32 2.58 -21.84 11.66
N VAL A 33 3.06 -20.64 11.36
CA VAL A 33 3.66 -19.76 12.38
C VAL A 33 4.54 -20.63 13.27
N SER A 34 5.49 -21.30 12.64
CA SER A 34 6.39 -22.22 13.32
C SER A 34 7.57 -21.60 14.04
N TYR A 35 8.03 -22.31 15.08
CA TYR A 35 9.19 -21.88 15.86
C TYR A 35 10.40 -22.38 15.08
N GLY A 36 10.16 -23.37 14.22
CA GLY A 36 11.24 -23.94 13.45
C GLY A 36 11.02 -23.92 11.95
N GLU A 37 11.47 -24.99 11.29
CA GLU A 37 11.37 -25.12 9.84
C GLU A 37 9.93 -25.08 9.32
N GLY A 38 8.96 -25.41 10.17
CA GLY A 38 7.57 -25.39 9.77
C GLY A 38 7.15 -26.26 8.58
N THR A 39 7.99 -27.24 8.24
CA THR A 39 7.68 -28.14 7.14
C THR A 39 7.21 -29.51 7.63
N LYS A 40 6.72 -30.31 6.69
CA LYS A 40 6.26 -31.65 6.97
C LYS A 40 6.64 -32.48 5.74
N THR A 41 5.67 -33.14 5.12
CA THR A 41 5.96 -33.94 3.94
C THR A 41 5.60 -33.13 2.68
N VAL A 42 6.25 -33.43 1.55
CA VAL A 42 5.98 -32.67 0.34
C VAL A 42 4.54 -32.75 -0.16
N ARG A 43 3.87 -33.88 -0.05
CA ARG A 43 2.49 -33.90 -0.52
C ARG A 43 1.60 -33.21 0.51
N GLU A 44 2.06 -33.17 1.75
CA GLU A 44 1.29 -32.50 2.80
C GLU A 44 1.45 -30.98 2.64
N ASP A 45 2.65 -30.55 2.23
CA ASP A 45 2.92 -29.14 2.04
C ASP A 45 2.27 -28.67 0.73
N ALA A 46 2.32 -29.52 -0.29
CA ALA A 46 1.69 -29.21 -1.55
C ALA A 46 0.20 -29.06 -1.27
N ALA A 47 -0.33 -29.96 -0.45
CA ALA A 47 -1.74 -29.92 -0.10
C ALA A 47 -2.10 -28.63 0.64
N LEU A 48 -1.26 -28.25 1.61
CA LEU A 48 -1.51 -27.03 2.37
C LEU A 48 -1.38 -25.83 1.43
N ILE A 49 -0.33 -25.83 0.62
CA ILE A 49 -0.16 -24.72 -0.28
C ILE A 49 -1.32 -24.63 -1.25
N ASP A 50 -1.82 -25.77 -1.70
CA ASP A 50 -2.93 -25.78 -2.63
C ASP A 50 -4.14 -25.17 -1.95
N TYR A 51 -4.34 -25.55 -0.70
CA TYR A 51 -5.46 -25.07 0.09
C TYR A 51 -5.45 -23.55 0.26
N LEU A 52 -4.28 -22.99 0.60
CA LEU A 52 -4.14 -21.55 0.82
C LEU A 52 -4.48 -20.75 -0.43
N MET A 53 -4.06 -21.25 -1.59
CA MET A 53 -4.32 -20.60 -2.86
C MET A 53 -5.83 -20.59 -3.12
N ARG A 54 -6.46 -21.75 -2.96
CA ARG A 54 -7.91 -21.94 -3.15
C ARG A 54 -8.78 -21.02 -2.31
N HIS A 55 -8.46 -20.93 -1.03
CA HIS A 55 -9.23 -20.13 -0.10
C HIS A 55 -8.85 -18.66 0.05
N ARG A 56 -7.96 -18.18 -0.82
CA ARG A 56 -7.55 -16.78 -0.76
C ARG A 56 -6.82 -16.40 0.53
N HIS A 57 -6.23 -17.38 1.22
CA HIS A 57 -5.48 -17.10 2.45
C HIS A 57 -4.12 -16.70 1.88
N THR A 58 -4.00 -15.42 1.53
CA THR A 58 -2.82 -14.87 0.89
C THR A 58 -1.58 -14.50 1.69
N SER A 59 -1.74 -14.17 2.97
CA SER A 59 -0.62 -13.78 3.81
C SER A 59 0.63 -14.66 3.71
N PRO A 60 0.46 -16.00 3.77
CA PRO A 60 1.60 -16.92 3.68
C PRO A 60 2.44 -16.72 2.44
N PHE A 61 1.78 -16.43 1.32
CA PHE A 61 2.46 -16.21 0.06
C PHE A 61 3.24 -14.89 0.01
N GLU A 62 2.93 -13.99 0.93
CA GLU A 62 3.65 -12.73 0.96
C GLU A 62 4.98 -12.88 1.70
N MET A 63 5.19 -14.05 2.31
CA MET A 63 6.43 -14.29 3.04
C MET A 63 7.57 -14.69 2.13
N VAL A 64 7.30 -14.75 0.83
CA VAL A 64 8.30 -15.10 -0.17
C VAL A 64 8.52 -13.86 -1.03
N VAL A 65 9.77 -13.47 -1.27
CA VAL A 65 10.03 -12.28 -2.07
C VAL A 65 11.08 -12.47 -3.17
N PHE A 66 10.84 -11.84 -4.31
CA PHE A 66 11.75 -11.90 -5.46
C PHE A 66 12.22 -10.49 -5.80
N LYS A 67 13.48 -10.38 -6.22
CA LYS A 67 14.06 -9.10 -6.60
C LYS A 67 14.73 -9.29 -7.96
N PHE A 68 14.27 -8.54 -8.96
CA PHE A 68 14.83 -8.66 -10.30
C PHE A 68 15.55 -7.42 -10.83
N HIS A 69 16.38 -7.65 -11.84
CA HIS A 69 17.14 -6.61 -12.53
C HIS A 69 16.51 -6.69 -13.91
N VAL A 70 15.74 -5.68 -14.28
CA VAL A 70 15.05 -5.69 -15.57
C VAL A 70 15.48 -4.55 -16.49
N LYS A 71 15.66 -4.88 -17.76
CA LYS A 71 16.04 -3.91 -18.78
C LYS A 71 14.90 -3.96 -19.79
N ALA A 72 14.25 -2.83 -20.02
CA ALA A 72 13.12 -2.81 -20.94
C ALA A 72 12.82 -1.43 -21.51
N PRO A 73 12.03 -1.39 -22.58
CA PRO A 73 11.65 -0.13 -23.22
C PRO A 73 10.80 0.69 -22.23
N ILE A 74 10.95 2.00 -22.26
CA ILE A 74 10.21 2.85 -21.36
C ILE A 74 8.71 2.57 -21.41
N PHE A 75 8.13 2.42 -22.60
CA PHE A 75 6.69 2.17 -22.67
C PHE A 75 6.28 0.86 -21.99
N VAL A 76 7.22 -0.07 -21.87
CA VAL A 76 6.89 -1.31 -21.18
C VAL A 76 7.05 -1.03 -19.68
N ALA A 77 8.05 -0.23 -19.34
CA ALA A 77 8.31 0.13 -17.95
C ALA A 77 7.13 0.83 -17.30
N ARG A 78 6.46 1.69 -18.05
CA ARG A 78 5.32 2.43 -17.53
C ARG A 78 4.10 1.56 -17.16
N GLN A 79 3.89 0.48 -17.92
CA GLN A 79 2.77 -0.42 -17.63
C GLN A 79 3.18 -1.25 -16.44
N TRP A 80 4.46 -1.59 -16.41
CA TRP A 80 4.98 -2.37 -15.32
C TRP A 80 4.85 -1.59 -14.01
N PHE A 81 5.12 -0.30 -14.06
CA PHE A 81 5.08 0.51 -12.84
C PHE A 81 3.68 0.84 -12.33
N ARG A 82 2.66 0.49 -13.12
CA ARG A 82 1.27 0.72 -12.71
C ARG A 82 0.99 -0.12 -11.47
N HIS A 83 1.84 -1.11 -11.23
CA HIS A 83 1.72 -2.01 -10.08
C HIS A 83 2.46 -1.36 -8.92
N ARG A 84 1.66 -0.84 -8.00
CA ARG A 84 2.14 -0.11 -6.84
C ARG A 84 2.66 -0.92 -5.67
N THR A 85 2.32 -2.20 -5.62
CA THR A 85 2.74 -3.04 -4.50
C THR A 85 4.20 -3.49 -4.54
N ALA A 86 4.96 -2.95 -5.47
CA ALA A 86 6.35 -3.34 -5.57
C ALA A 86 7.33 -2.20 -5.22
N SER A 87 8.60 -2.56 -5.04
CA SER A 87 9.63 -1.58 -4.75
C SER A 87 10.49 -1.53 -6.01
N VAL A 88 10.64 -0.35 -6.59
CA VAL A 88 11.41 -0.23 -7.80
C VAL A 88 12.46 0.85 -7.68
N ASN A 89 13.58 0.67 -8.40
CA ASN A 89 14.63 1.67 -8.45
C ASN A 89 15.13 1.68 -9.89
N GLU A 90 14.94 2.81 -10.55
CA GLU A 90 15.30 2.95 -11.94
C GLU A 90 16.47 3.90 -12.20
N ILE A 91 17.20 3.64 -13.29
CA ILE A 91 18.30 4.47 -13.72
C ILE A 91 17.72 5.83 -14.11
N SER A 92 18.06 6.87 -13.35
CA SER A 92 17.54 8.22 -13.62
C SER A 92 18.15 8.96 -14.81
N GLY A 93 17.30 9.35 -15.75
CA GLY A 93 17.77 10.09 -16.90
C GLY A 93 18.19 11.50 -16.50
N ARG A 94 18.14 11.79 -15.20
CA ARG A 94 18.52 13.10 -14.69
C ARG A 94 20.01 13.23 -14.45
N TYR A 95 20.60 12.21 -13.81
CA TYR A 95 22.02 12.19 -13.49
C TYR A 95 22.85 11.52 -14.59
N SER A 96 22.49 10.28 -14.90
CA SER A 96 23.20 9.49 -15.91
C SER A 96 22.87 9.87 -17.36
N ILE A 97 23.84 9.64 -18.24
CA ILE A 97 23.65 9.89 -19.66
C ILE A 97 22.98 8.62 -20.18
N LEU A 98 22.01 8.77 -21.06
CA LEU A 98 21.30 7.60 -21.59
C LEU A 98 21.95 6.92 -22.80
N LYS A 99 22.05 5.60 -22.67
CA LYS A 99 22.64 4.74 -23.69
C LYS A 99 21.72 4.72 -24.90
N GLU A 100 22.30 4.73 -26.09
CA GLU A 100 21.49 4.72 -27.31
C GLU A 100 20.98 3.33 -27.67
N GLU A 101 20.15 2.77 -26.79
CA GLU A 101 19.59 1.46 -27.05
C GLU A 101 18.09 1.58 -27.24
N PHE A 102 17.62 1.10 -28.38
CA PHE A 102 16.20 1.17 -28.68
C PHE A 102 15.61 -0.19 -29.01
N TYR A 103 14.35 -0.35 -28.68
CA TYR A 103 13.64 -1.58 -28.96
C TYR A 103 13.10 -1.56 -30.38
N GLU A 104 13.65 -2.39 -31.24
CA GLU A 104 13.18 -2.46 -32.61
C GLU A 104 12.40 -3.76 -32.74
N PRO A 105 11.08 -3.65 -32.92
CA PRO A 105 10.21 -4.81 -33.05
C PRO A 105 10.62 -5.77 -34.16
N GLU A 106 10.22 -7.03 -34.00
CA GLU A 106 10.50 -8.07 -34.99
C GLU A 106 9.65 -7.64 -36.17
N ALA A 107 8.43 -7.20 -35.86
CA ALA A 107 7.49 -6.74 -36.86
C ALA A 107 6.37 -5.95 -36.19
N PHE A 108 5.80 -4.98 -36.91
CA PHE A 108 4.72 -4.18 -36.37
C PHE A 108 3.42 -4.96 -36.48
N ARG A 109 2.49 -4.67 -35.58
CA ARG A 109 1.21 -5.35 -35.60
C ARG A 109 0.12 -4.44 -36.14
N LYS A 110 -0.85 -5.05 -36.82
CA LYS A 110 -1.94 -4.31 -37.42
C LYS A 110 -3.02 -3.89 -36.42
N GLN A 111 -3.72 -2.81 -36.74
CA GLN A 111 -4.81 -2.23 -35.95
C GLN A 111 -4.41 -1.03 -35.10
N LEU A 131 11.55 4.12 -40.89
CA LEU A 131 10.70 5.17 -40.34
C LEU A 131 10.95 5.26 -38.84
N LEU A 132 10.83 4.12 -38.17
CA LEU A 132 11.07 4.04 -36.74
C LEU A 132 12.56 4.28 -36.51
N ARG A 133 13.38 3.63 -37.32
CA ARG A 133 14.83 3.77 -37.20
C ARG A 133 15.24 5.22 -37.42
N LYS A 134 14.55 5.88 -38.35
CA LYS A 134 14.82 7.26 -38.69
C LYS A 134 14.62 8.19 -37.47
N VAL A 135 13.40 8.23 -36.96
CA VAL A 135 13.09 9.09 -35.82
C VAL A 135 13.96 8.76 -34.60
N GLN A 136 14.35 7.49 -34.46
CA GLN A 136 15.22 7.14 -33.34
C GLN A 136 16.54 7.85 -33.56
N GLN A 137 16.98 7.91 -34.81
CA GLN A 137 18.23 8.54 -35.15
C GLN A 137 18.17 10.06 -34.93
N GLU A 138 17.23 10.71 -35.62
CA GLU A 138 17.07 12.15 -35.50
C GLU A 138 17.05 12.49 -34.02
N ALA A 139 16.14 11.84 -33.29
CA ALA A 139 15.98 12.05 -31.87
C ALA A 139 17.28 11.84 -31.10
N TYR A 140 17.97 10.74 -31.32
CA TYR A 140 19.21 10.56 -30.57
C TYR A 140 20.21 11.60 -31.03
N GLY A 141 20.02 12.09 -32.26
CA GLY A 141 20.89 13.12 -32.79
C GLY A 141 20.67 14.39 -31.99
N ALA A 142 19.41 14.77 -31.87
CA ALA A 142 19.00 15.95 -31.12
C ALA A 142 19.50 15.86 -29.68
N TYR A 143 19.34 14.70 -29.08
CA TYR A 143 19.79 14.48 -27.71
C TYR A 143 21.28 14.77 -27.57
N ARG A 144 22.09 14.22 -28.49
CA ARG A 144 23.54 14.44 -28.47
C ARG A 144 23.85 15.92 -28.66
N ALA A 145 23.25 16.52 -29.69
CA ALA A 145 23.45 17.93 -30.00
C ALA A 145 23.18 18.77 -28.75
N LEU A 146 21.98 18.64 -28.21
CA LEU A 146 21.59 19.36 -27.00
C LEU A 146 22.61 19.23 -25.90
N LEU A 147 23.07 18.01 -25.65
CA LEU A 147 24.05 17.78 -24.61
C LEU A 147 25.34 18.56 -24.87
N GLU A 148 25.79 18.55 -26.12
CA GLU A 148 27.02 19.26 -26.48
C GLU A 148 26.93 20.77 -26.25
N LYS A 149 25.72 21.32 -26.34
CA LYS A 149 25.54 22.75 -26.12
C LYS A 149 25.48 23.05 -24.61
N GLY A 150 25.64 22.01 -23.79
CA GLY A 150 25.62 22.22 -22.36
C GLY A 150 24.27 22.02 -21.69
N VAL A 151 23.22 21.82 -22.49
CA VAL A 151 21.88 21.61 -21.94
C VAL A 151 21.92 20.50 -20.90
N ALA A 152 21.28 20.72 -19.76
CA ALA A 152 21.26 19.72 -18.70
C ALA A 152 20.62 18.39 -19.12
N ARG A 153 21.21 17.30 -18.63
CA ARG A 153 20.73 15.96 -18.94
C ARG A 153 19.23 15.83 -18.73
N GLU A 154 18.79 16.11 -17.50
CA GLU A 154 17.38 16.02 -17.14
C GLU A 154 16.44 16.59 -18.19
N MET A 155 16.87 17.64 -18.87
CA MET A 155 16.04 18.25 -19.89
C MET A 155 16.30 17.65 -21.25
N ALA A 156 17.58 17.39 -21.53
CA ALA A 156 17.98 16.83 -22.81
C ALA A 156 17.26 15.55 -23.20
N ARG A 157 17.18 14.61 -22.27
CA ARG A 157 16.54 13.34 -22.53
C ARG A 157 15.06 13.35 -22.88
N MET A 158 14.43 14.51 -22.97
CA MET A 158 12.99 14.53 -23.28
C MET A 158 12.67 14.28 -24.76
N VAL A 159 13.60 14.61 -25.64
CA VAL A 159 13.40 14.41 -27.08
C VAL A 159 13.53 12.94 -27.48
N LEU A 160 13.89 12.08 -26.54
CA LEU A 160 14.04 10.65 -26.82
C LEU A 160 12.70 9.91 -26.78
N PRO A 161 12.48 9.00 -27.75
CA PRO A 161 11.24 8.22 -27.86
C PRO A 161 11.01 7.21 -26.73
N LEU A 162 9.76 6.76 -26.61
CA LEU A 162 9.34 5.81 -25.58
C LEU A 162 9.93 4.41 -25.71
N ASN A 163 10.50 4.09 -26.86
CA ASN A 163 11.09 2.76 -27.06
C ASN A 163 12.52 2.69 -26.51
N LEU A 164 12.98 3.80 -25.93
CA LEU A 164 14.31 3.85 -25.35
C LEU A 164 14.35 2.78 -24.26
N TYR A 165 15.45 2.06 -24.14
CA TYR A 165 15.54 1.05 -23.09
C TYR A 165 15.85 1.71 -21.76
N THR A 166 15.54 1.03 -20.67
CA THR A 166 15.80 1.54 -19.33
C THR A 166 15.96 0.35 -18.39
N GLU A 167 16.67 0.55 -17.29
CA GLU A 167 16.87 -0.55 -16.35
C GLU A 167 16.39 -0.20 -14.97
N PHE A 168 16.03 -1.24 -14.22
CA PHE A 168 15.57 -1.07 -12.85
C PHE A 168 15.57 -2.36 -12.04
N TYR A 169 15.46 -2.20 -10.73
CA TYR A 169 15.39 -3.32 -9.80
C TYR A 169 13.91 -3.41 -9.41
N TRP A 170 13.34 -4.60 -9.51
CA TRP A 170 11.95 -4.81 -9.16
C TRP A 170 11.89 -5.81 -8.01
N LYS A 171 11.38 -5.35 -6.87
CA LYS A 171 11.25 -6.18 -5.66
C LYS A 171 9.77 -6.40 -5.35
N GLN A 172 9.34 -7.65 -5.34
CA GLN A 172 7.93 -7.94 -5.08
C GLN A 172 7.70 -9.31 -4.45
N ASP A 173 6.71 -9.37 -3.56
CA ASP A 173 6.35 -10.60 -2.88
C ASP A 173 5.58 -11.54 -3.82
N LEU A 174 5.68 -12.84 -3.55
CA LEU A 174 5.05 -13.86 -4.38
C LEU A 174 3.54 -13.64 -4.65
N HIS A 175 2.80 -13.25 -3.62
CA HIS A 175 1.38 -12.99 -3.75
C HIS A 175 1.10 -11.92 -4.82
N ASN A 176 1.81 -10.80 -4.72
CA ASN A 176 1.63 -9.71 -5.68
C ASN A 176 2.31 -9.98 -7.02
N LEU A 177 3.28 -10.88 -7.02
CA LEU A 177 3.95 -11.21 -8.26
C LEU A 177 3.00 -12.09 -9.05
N PHE A 178 2.25 -12.95 -8.36
CA PHE A 178 1.29 -13.81 -9.05
C PHE A 178 0.21 -12.94 -9.68
N HIS A 179 -0.19 -11.90 -8.95
CA HIS A 179 -1.18 -10.95 -9.42
C HIS A 179 -0.66 -10.34 -10.73
N PHE A 180 0.59 -9.89 -10.69
CA PHE A 180 1.26 -9.29 -11.84
C PHE A 180 1.24 -10.22 -13.05
N LEU A 181 1.57 -11.48 -12.79
CA LEU A 181 1.61 -12.49 -13.84
C LEU A 181 0.24 -12.77 -14.44
N LYS A 182 -0.78 -12.85 -13.59
CA LYS A 182 -2.15 -13.11 -14.03
C LYS A 182 -2.60 -12.01 -14.99
N LEU A 183 -2.23 -10.77 -14.70
CA LEU A 183 -2.60 -9.65 -15.55
C LEU A 183 -1.72 -9.48 -16.79
N ARG A 184 -0.41 -9.59 -16.63
CA ARG A 184 0.49 -9.41 -17.75
C ARG A 184 0.68 -10.64 -18.62
N LEU A 185 0.19 -11.78 -18.15
CA LEU A 185 0.28 -13.00 -18.93
C LEU A 185 -1.02 -13.09 -19.77
N ALA A 186 -2.05 -12.38 -19.33
CA ALA A 186 -3.32 -12.38 -20.04
C ALA A 186 -3.10 -11.86 -21.45
N PRO A 187 -3.88 -12.37 -22.41
CA PRO A 187 -3.75 -11.93 -23.81
C PRO A 187 -4.16 -10.49 -24.07
N GLU A 188 -4.72 -9.83 -23.06
CA GLU A 188 -5.14 -8.44 -23.21
C GLU A 188 -3.96 -7.49 -22.94
N ALA A 189 -2.93 -8.00 -22.27
CA ALA A 189 -1.75 -7.19 -21.95
C ALA A 189 -0.98 -6.99 -23.25
N GLN A 190 -0.27 -5.89 -23.38
CA GLN A 190 0.49 -5.67 -24.63
C GLN A 190 1.56 -6.75 -24.76
N TRP A 191 1.73 -7.25 -25.99
CA TRP A 191 2.70 -8.29 -26.28
C TRP A 191 4.08 -8.11 -25.62
N GLU A 192 4.66 -6.91 -25.74
CA GLU A 192 5.99 -6.68 -25.17
C GLU A 192 6.06 -7.08 -23.70
N ILE A 193 5.17 -6.54 -22.89
CA ILE A 193 5.20 -6.85 -21.47
C ILE A 193 4.80 -8.30 -21.21
N ARG A 194 3.99 -8.90 -22.08
CA ARG A 194 3.62 -10.29 -21.87
C ARG A 194 4.89 -11.13 -21.86
N GLN A 195 5.78 -10.86 -22.82
CA GLN A 195 7.03 -11.59 -22.94
C GLN A 195 7.86 -11.45 -21.68
N TYR A 196 7.85 -10.27 -21.07
CA TYR A 196 8.59 -10.08 -19.83
C TYR A 196 7.95 -10.90 -18.72
N ALA A 197 6.63 -10.97 -18.72
CA ALA A 197 5.92 -11.74 -17.70
C ALA A 197 6.23 -13.23 -17.88
N ARG A 198 6.41 -13.66 -19.13
CA ARG A 198 6.72 -15.06 -19.42
C ARG A 198 8.08 -15.39 -18.80
N ALA A 199 9.05 -14.51 -19.03
CA ALA A 199 10.38 -14.70 -18.48
C ALA A 199 10.29 -14.88 -16.97
N ILE A 200 9.60 -13.96 -16.31
CA ILE A 200 9.46 -14.02 -14.87
C ILE A 200 8.77 -15.30 -14.44
N ALA A 201 7.69 -15.64 -15.13
CA ALA A 201 6.93 -16.84 -14.81
C ALA A 201 7.87 -18.05 -14.81
N GLU A 202 8.72 -18.11 -15.83
CA GLU A 202 9.67 -19.21 -15.91
C GLU A 202 10.55 -19.28 -14.67
N ILE A 203 11.08 -18.14 -14.24
CA ILE A 203 11.94 -18.14 -13.07
C ILE A 203 11.19 -18.54 -11.82
N VAL A 204 9.95 -18.09 -11.69
CA VAL A 204 9.16 -18.44 -10.51
C VAL A 204 8.80 -19.93 -10.50
N LYS A 205 8.46 -20.46 -11.67
CA LYS A 205 8.12 -21.87 -11.79
C LYS A 205 9.24 -22.78 -11.26
N GLU A 206 10.49 -22.46 -11.59
CA GLU A 206 11.61 -23.26 -11.12
C GLU A 206 11.91 -23.05 -9.63
N ARG A 207 11.76 -21.82 -9.15
CA ARG A 207 12.05 -21.49 -7.75
C ARG A 207 10.99 -21.87 -6.70
N VAL A 208 9.71 -21.71 -7.02
CA VAL A 208 8.65 -22.10 -6.08
C VAL A 208 7.65 -23.00 -6.81
N PRO A 209 8.12 -24.16 -7.31
CA PRO A 209 7.29 -25.12 -8.03
C PRO A 209 5.94 -25.53 -7.41
N LEU A 210 5.88 -25.70 -6.09
CA LEU A 210 4.60 -26.07 -5.51
C LEU A 210 3.63 -24.90 -5.62
N ALA A 211 4.03 -23.74 -5.12
CA ALA A 211 3.19 -22.56 -5.18
C ALA A 211 2.77 -22.32 -6.63
N TRP A 212 3.72 -22.46 -7.54
CA TRP A 212 3.43 -22.26 -8.94
C TRP A 212 2.40 -23.30 -9.42
N ALA A 213 2.51 -24.52 -8.93
CA ALA A 213 1.57 -25.55 -9.35
C ALA A 213 0.17 -25.08 -9.00
N ALA A 214 -0.01 -24.61 -7.78
CA ALA A 214 -1.29 -24.14 -7.33
C ALA A 214 -1.75 -22.95 -8.19
N PHE A 215 -0.84 -22.00 -8.39
CA PHE A 215 -1.16 -20.82 -9.18
C PHE A 215 -1.62 -21.22 -10.59
N GLU A 216 -0.89 -22.11 -11.22
CA GLU A 216 -1.23 -22.54 -12.57
C GLU A 216 -2.62 -23.17 -12.62
N GLU A 217 -2.84 -24.18 -11.78
CA GLU A 217 -4.10 -24.90 -11.71
C GLU A 217 -5.32 -24.04 -11.37
N HIS A 218 -5.24 -23.27 -10.28
CA HIS A 218 -6.35 -22.44 -9.82
C HIS A 218 -6.55 -21.06 -10.44
N LEU A 219 -5.49 -20.39 -10.86
CA LEU A 219 -5.69 -19.05 -11.41
C LEU A 219 -5.32 -18.87 -12.88
N LEU A 220 -4.05 -19.07 -13.22
CA LEU A 220 -3.62 -18.90 -14.59
C LEU A 220 -4.50 -19.67 -15.56
N GLU A 221 -4.60 -20.98 -15.34
CA GLU A 221 -5.39 -21.86 -16.19
C GLU A 221 -6.84 -21.98 -15.73
N GLY A 222 -7.26 -21.06 -14.88
CA GLY A 222 -8.62 -21.10 -14.40
C GLY A 222 -9.39 -19.95 -15.04
N ALA A 223 -10.59 -19.70 -14.54
CA ALA A 223 -11.41 -18.63 -15.07
C ALA A 223 -12.48 -18.23 -14.06
N PHE A 224 -12.84 -16.95 -14.07
CA PHE A 224 -13.87 -16.47 -13.17
C PHE A 224 -15.18 -16.41 -13.95
N LEU A 225 -16.24 -16.96 -13.37
CA LEU A 225 -17.54 -16.96 -14.03
C LEU A 225 -18.48 -16.05 -13.28
N SER A 226 -19.18 -15.21 -14.03
CA SER A 226 -20.13 -14.27 -13.48
C SER A 226 -21.34 -15.04 -12.95
N ARG A 227 -22.20 -14.32 -12.22
CA ARG A 227 -23.40 -14.90 -11.64
C ARG A 227 -24.30 -15.59 -12.65
N THR A 228 -24.55 -14.96 -13.80
CA THR A 228 -25.41 -15.58 -14.79
C THR A 228 -24.75 -16.81 -15.39
N GLU A 229 -23.43 -16.83 -15.42
CA GLU A 229 -22.75 -17.99 -15.96
C GLU A 229 -22.96 -19.17 -15.01
N LEU A 230 -22.78 -18.95 -13.72
CA LEU A 230 -22.98 -19.99 -12.72
C LEU A 230 -24.44 -20.46 -12.76
N ARG A 231 -25.34 -19.54 -13.09
CA ARG A 231 -26.77 -19.82 -13.16
C ARG A 231 -27.09 -20.71 -14.36
N ALA A 232 -26.30 -20.58 -15.42
CA ALA A 232 -26.49 -21.40 -16.60
C ALA A 232 -26.03 -22.81 -16.27
N LEU A 233 -24.98 -22.90 -15.46
CA LEU A 233 -24.46 -24.21 -15.06
C LEU A 233 -25.55 -24.94 -14.30
N ARG A 234 -26.30 -24.19 -13.51
CA ARG A 234 -27.43 -24.76 -12.79
C ARG A 234 -28.46 -24.90 -13.91
N GLY A 235 -29.44 -25.76 -13.76
CA GLY A 235 -30.41 -25.89 -14.83
C GLY A 235 -29.90 -26.86 -15.87
N LEU A 236 -28.65 -26.68 -16.30
CA LEU A 236 -28.04 -27.57 -17.28
C LEU A 236 -27.46 -28.79 -16.59
N LEU A 237 -27.09 -28.66 -15.31
CA LEU A 237 -26.49 -29.76 -14.58
C LEU A 237 -27.01 -29.93 -13.17
N THR A 238 -26.90 -31.15 -12.64
CA THR A 238 -27.33 -31.44 -11.27
C THR A 238 -26.05 -31.74 -10.49
N PRO A 239 -26.10 -31.62 -9.16
CA PRO A 239 -24.94 -31.88 -8.31
C PRO A 239 -24.25 -33.20 -8.63
N GLU A 240 -24.99 -34.29 -8.46
CA GLU A 240 -24.52 -35.64 -8.73
C GLU A 240 -23.74 -35.75 -10.03
N VAL A 241 -24.31 -35.24 -11.11
CA VAL A 241 -23.69 -35.30 -12.43
C VAL A 241 -22.34 -34.58 -12.45
N TYR A 242 -22.34 -33.35 -11.94
CA TYR A 242 -21.14 -32.52 -11.89
C TYR A 242 -20.08 -33.25 -11.10
N GLU A 243 -20.47 -33.74 -9.94
CA GLU A 243 -19.56 -34.46 -9.06
C GLU A 243 -18.87 -35.62 -9.76
N LYS A 244 -19.63 -36.52 -10.37
CA LYS A 244 -19.01 -37.64 -11.07
C LYS A 244 -17.97 -37.13 -12.07
N ALA A 245 -18.38 -36.19 -12.92
CA ALA A 245 -17.48 -35.62 -13.92
C ALA A 245 -16.17 -35.12 -13.30
N LEU A 246 -16.27 -34.46 -12.13
CA LEU A 246 -15.09 -33.94 -11.46
C LEU A 246 -14.19 -35.07 -10.95
N SER A 247 -14.74 -35.93 -10.09
CA SER A 247 -13.97 -37.05 -9.54
C SER A 247 -13.39 -37.87 -10.67
N SER A 248 -14.06 -37.84 -11.81
CA SER A 248 -13.60 -38.57 -12.98
C SER A 248 -12.22 -38.04 -13.32
N LEU A 249 -12.02 -36.76 -13.10
CA LEU A 249 -10.75 -36.10 -13.40
C LEU A 249 -9.76 -36.13 -12.25
N GLY A 250 -10.21 -36.62 -11.09
CA GLY A 250 -9.31 -36.73 -9.95
C GLY A 250 -9.54 -35.84 -8.75
N LEU A 251 -10.71 -35.21 -8.64
CA LEU A 251 -10.98 -34.35 -7.50
C LEU A 251 -11.68 -35.15 -6.41
N GLY A 252 -11.32 -34.92 -5.16
CA GLY A 252 -11.95 -35.64 -4.06
C GLY A 252 -11.93 -34.85 -2.76
N GLY A 253 -12.79 -35.21 -1.82
CA GLY A 253 -12.83 -34.51 -0.56
C GLY A 253 -13.16 -33.03 -0.71
N SER A 254 -12.45 -32.20 0.06
CA SER A 254 -12.64 -30.75 0.05
C SER A 254 -12.64 -30.10 -1.34
N ARG A 255 -11.66 -30.42 -2.17
CA ARG A 255 -11.60 -29.85 -3.51
C ARG A 255 -12.95 -30.09 -4.19
N LEU A 256 -13.39 -31.34 -4.17
CA LEU A 256 -14.65 -31.74 -4.79
C LEU A 256 -15.84 -31.01 -4.16
N LYS A 257 -15.98 -31.13 -2.85
CA LYS A 257 -17.08 -30.48 -2.15
C LYS A 257 -17.12 -29.00 -2.51
N GLU A 258 -15.96 -28.35 -2.42
CA GLU A 258 -15.84 -26.93 -2.72
C GLU A 258 -16.26 -26.62 -4.16
N ALA A 259 -15.73 -27.38 -5.12
CA ALA A 259 -16.06 -27.18 -6.53
C ALA A 259 -17.57 -27.22 -6.75
N LEU A 260 -18.23 -28.10 -6.00
CA LEU A 260 -19.67 -28.23 -6.11
C LEU A 260 -20.31 -27.03 -5.42
N GLU A 261 -19.80 -26.68 -4.24
CA GLU A 261 -20.34 -25.56 -3.48
C GLU A 261 -20.14 -24.23 -4.20
N LYS A 262 -19.32 -24.23 -5.25
CA LYS A 262 -19.08 -23.03 -6.03
C LYS A 262 -20.21 -22.80 -7.03
N VAL A 263 -20.82 -23.89 -7.46
CA VAL A 263 -21.91 -23.84 -8.43
C VAL A 263 -23.29 -23.93 -7.80
N PHE A 264 -23.41 -24.73 -6.74
CA PHE A 264 -24.69 -24.94 -6.09
C PHE A 264 -24.82 -24.43 -4.65
N GLY A 265 -23.83 -24.74 -3.82
CA GLY A 265 -23.88 -24.32 -2.43
C GLY A 265 -23.37 -22.92 -2.17
N LEU B 5 18.50 -16.43 16.10
CA LEU B 5 18.25 -15.14 16.81
C LEU B 5 16.85 -15.08 17.40
N THR B 6 16.75 -15.40 18.69
CA THR B 6 15.46 -15.39 19.39
C THR B 6 15.53 -14.61 20.70
N ILE B 7 15.48 -13.28 20.62
CA ILE B 7 15.52 -12.42 21.80
C ILE B 7 14.20 -12.44 22.55
N PRO B 8 14.25 -12.64 23.88
CA PRO B 8 12.98 -12.66 24.62
C PRO B 8 12.46 -11.27 24.92
N VAL B 9 11.13 -11.16 25.01
CA VAL B 9 10.46 -9.90 25.31
C VAL B 9 9.27 -10.22 26.22
N LEU B 10 9.20 -9.53 27.35
CA LEU B 10 8.14 -9.72 28.34
C LEU B 10 8.26 -11.10 29.03
N ASP B 11 7.34 -11.39 29.95
CA ASP B 11 7.38 -12.65 30.69
C ASP B 11 7.14 -13.93 29.90
N LYS B 12 6.61 -13.83 28.68
CA LYS B 12 6.35 -15.04 27.88
C LYS B 12 6.59 -14.85 26.38
N GLY B 13 6.67 -13.59 25.95
CA GLY B 13 6.86 -13.31 24.53
C GLY B 13 8.30 -13.39 24.04
N PHE B 14 8.50 -12.96 22.79
CA PHE B 14 9.81 -12.97 22.16
C PHE B 14 9.73 -12.45 20.73
N VAL B 15 10.91 -12.14 20.18
CA VAL B 15 11.06 -11.66 18.81
C VAL B 15 12.20 -12.48 18.21
N ARG B 16 11.92 -13.17 17.12
CA ARG B 16 12.93 -14.01 16.48
C ARG B 16 13.05 -13.71 14.99
N LEU B 17 14.28 -13.75 14.47
CA LEU B 17 14.52 -13.50 13.05
C LEU B 17 14.40 -14.79 12.27
N VAL B 18 13.43 -14.86 11.37
CA VAL B 18 13.23 -16.05 10.55
C VAL B 18 14.05 -16.01 9.27
N ASP B 19 14.12 -14.85 8.63
CA ASP B 19 14.87 -14.75 7.38
C ASP B 19 15.19 -13.31 7.05
N GLN B 20 16.11 -13.13 6.10
CA GLN B 20 16.52 -11.79 5.69
C GLN B 20 16.98 -11.81 4.24
N MET B 21 16.69 -10.72 3.54
CA MET B 21 17.08 -10.62 2.14
C MET B 21 17.92 -9.36 1.97
N GLY B 22 19.21 -9.56 1.71
CA GLY B 22 20.11 -8.45 1.52
C GLY B 22 20.65 -7.83 2.80
N ASP B 23 21.68 -7.01 2.65
CA ASP B 23 22.30 -6.31 3.76
C ASP B 23 22.74 -4.96 3.19
N ASP B 24 23.58 -4.23 3.91
CA ASP B 24 24.06 -2.93 3.45
C ASP B 24 24.46 -2.99 1.97
N ARG B 25 25.06 -4.11 1.57
CA ARG B 25 25.49 -4.29 0.19
C ARG B 25 24.31 -4.23 -0.79
N ALA B 26 23.15 -4.70 -0.35
CA ALA B 26 21.98 -4.70 -1.21
C ALA B 26 21.49 -3.27 -1.43
N ILE B 27 21.56 -2.44 -0.40
CA ILE B 27 21.14 -1.04 -0.52
C ILE B 27 21.95 -0.36 -1.61
N VAL B 28 23.27 -0.48 -1.49
CA VAL B 28 24.20 0.10 -2.46
C VAL B 28 23.99 -0.52 -3.84
N GLN B 29 23.98 -1.84 -3.88
CA GLN B 29 23.78 -2.57 -5.12
C GLN B 29 22.57 -2.08 -5.92
N ALA B 30 21.44 -1.94 -5.23
CA ALA B 30 20.18 -1.48 -5.85
C ALA B 30 20.26 -0.01 -6.19
N ALA B 31 20.92 0.78 -5.36
CA ALA B 31 21.06 2.19 -5.64
C ALA B 31 21.78 2.35 -6.98
N ARG B 32 22.74 1.48 -7.24
CA ARG B 32 23.52 1.56 -8.47
C ARG B 32 22.89 0.76 -9.62
N VAL B 33 21.87 -0.04 -9.32
CA VAL B 33 21.19 -0.85 -10.33
C VAL B 33 22.25 -1.72 -11.03
N SER B 34 23.09 -2.35 -10.22
CA SER B 34 24.19 -3.20 -10.67
C SER B 34 23.87 -4.52 -11.42
N TYR B 35 24.81 -4.96 -12.24
CA TYR B 35 24.69 -6.21 -12.98
C TYR B 35 25.40 -7.28 -12.17
N GLY B 36 26.15 -6.83 -11.17
CA GLY B 36 26.87 -7.76 -10.33
C GLY B 36 26.69 -7.40 -8.88
N GLU B 37 27.74 -7.57 -8.09
CA GLU B 37 27.70 -7.25 -6.67
C GLU B 37 27.25 -5.82 -6.38
N GLY B 38 27.65 -4.89 -7.24
CA GLY B 38 27.28 -3.49 -7.04
C GLY B 38 27.95 -2.81 -5.86
N THR B 39 29.10 -3.33 -5.46
CA THR B 39 29.84 -2.77 -4.32
C THR B 39 31.15 -2.07 -4.65
N LYS B 40 31.76 -1.53 -3.60
CA LYS B 40 33.05 -0.83 -3.66
C LYS B 40 33.63 -0.95 -2.26
N THR B 41 34.55 -0.07 -1.88
CA THR B 41 35.14 -0.16 -0.55
C THR B 41 34.05 0.18 0.47
N VAL B 42 34.23 -0.27 1.71
CA VAL B 42 33.25 0.00 2.75
C VAL B 42 33.16 1.49 3.10
N ARG B 43 34.05 2.31 2.54
CA ARG B 43 34.03 3.73 2.85
C ARG B 43 33.14 4.48 1.85
N GLU B 44 33.19 4.05 0.60
CA GLU B 44 32.40 4.67 -0.45
C GLU B 44 30.94 4.26 -0.26
N ASP B 45 30.72 2.98 0.00
CA ASP B 45 29.38 2.46 0.20
C ASP B 45 28.69 3.03 1.45
N ALA B 46 29.39 3.08 2.58
CA ALA B 46 28.81 3.64 3.80
C ALA B 46 28.51 5.11 3.53
N ALA B 47 29.34 5.73 2.71
CA ALA B 47 29.16 7.12 2.35
C ALA B 47 27.88 7.22 1.52
N LEU B 48 27.73 6.34 0.53
CA LEU B 48 26.55 6.33 -0.32
C LEU B 48 25.28 6.09 0.52
N ILE B 49 25.38 5.14 1.45
CA ILE B 49 24.26 4.81 2.33
C ILE B 49 23.84 6.04 3.14
N ASP B 50 24.81 6.72 3.74
CA ASP B 50 24.49 7.92 4.52
C ASP B 50 23.81 8.96 3.64
N TYR B 51 24.30 9.12 2.42
CA TYR B 51 23.74 10.08 1.47
C TYR B 51 22.28 9.75 1.12
N LEU B 52 22.01 8.51 0.70
CA LEU B 52 20.66 8.10 0.35
C LEU B 52 19.71 8.41 1.50
N MET B 53 20.16 8.12 2.71
CA MET B 53 19.40 8.37 3.91
C MET B 53 19.04 9.87 3.95
N ARG B 54 20.08 10.69 4.05
CA ARG B 54 19.95 12.15 4.09
C ARG B 54 19.01 12.74 3.05
N HIS B 55 19.10 12.25 1.82
CA HIS B 55 18.27 12.83 0.78
C HIS B 55 16.94 12.16 0.48
N ARG B 56 16.52 11.27 1.37
CA ARG B 56 15.24 10.58 1.22
C ARG B 56 15.12 9.68 -0.01
N HIS B 57 16.24 9.31 -0.63
CA HIS B 57 16.18 8.39 -1.76
C HIS B 57 15.99 7.07 -1.03
N THR B 58 14.74 6.76 -0.69
CA THR B 58 14.40 5.56 0.08
C THR B 58 14.20 4.22 -0.62
N SER B 59 14.01 4.23 -1.94
CA SER B 59 13.82 2.99 -2.67
C SER B 59 14.86 1.90 -2.33
N PRO B 60 16.16 2.24 -2.42
CA PRO B 60 17.23 1.27 -2.14
C PRO B 60 17.07 0.60 -0.77
N PHE B 61 16.60 1.35 0.19
CA PHE B 61 16.41 0.78 1.49
C PHE B 61 15.26 -0.23 1.45
N GLU B 62 14.38 -0.13 0.46
CA GLU B 62 13.26 -1.07 0.36
C GLU B 62 13.71 -2.40 -0.24
N MET B 63 14.93 -2.42 -0.79
CA MET B 63 15.46 -3.62 -1.39
C MET B 63 16.03 -4.61 -0.35
N VAL B 64 15.89 -4.27 0.93
CA VAL B 64 16.37 -5.13 2.02
C VAL B 64 15.18 -5.49 2.88
N VAL B 65 14.98 -6.79 3.13
CA VAL B 65 13.83 -7.26 3.89
C VAL B 65 14.08 -8.24 5.05
N PHE B 66 13.37 -8.02 6.15
CA PHE B 66 13.48 -8.87 7.32
C PHE B 66 12.12 -9.50 7.60
N LYS B 67 12.14 -10.72 8.13
CA LYS B 67 10.92 -11.44 8.47
C LYS B 67 11.14 -11.99 9.88
N PHE B 68 10.30 -11.60 10.83
CA PHE B 68 10.43 -12.06 12.21
C PHE B 68 9.26 -12.95 12.62
N HIS B 69 9.49 -13.75 13.65
CA HIS B 69 8.43 -14.58 14.23
C HIS B 69 8.31 -13.89 15.56
N VAL B 70 7.10 -13.42 15.89
CA VAL B 70 6.88 -12.68 17.12
C VAL B 70 5.79 -13.27 17.97
N LYS B 71 6.02 -13.19 19.29
CA LYS B 71 5.06 -13.64 20.28
C LYS B 71 4.89 -12.40 21.14
N ALA B 72 3.64 -11.98 21.32
CA ALA B 72 3.33 -10.79 22.09
C ALA B 72 1.89 -10.84 22.53
N PRO B 73 1.53 -10.04 23.55
CA PRO B 73 0.15 -10.02 24.01
C PRO B 73 -0.71 -9.25 23.00
N ILE B 74 -1.91 -9.78 22.71
CA ILE B 74 -2.81 -9.15 21.76
C ILE B 74 -2.81 -7.62 21.76
N PHE B 75 -3.02 -7.01 22.93
CA PHE B 75 -3.08 -5.55 22.99
C PHE B 75 -1.81 -4.87 22.45
N VAL B 76 -0.72 -5.61 22.39
CA VAL B 76 0.52 -5.07 21.86
C VAL B 76 0.53 -5.25 20.35
N ALA B 77 -0.08 -6.33 19.89
CA ALA B 77 -0.15 -6.64 18.47
C ALA B 77 -1.08 -5.67 17.74
N ARG B 78 -2.10 -5.17 18.44
CA ARG B 78 -3.04 -4.24 17.83
C ARG B 78 -2.33 -2.94 17.49
N GLN B 79 -1.36 -2.56 18.31
CA GLN B 79 -0.62 -1.34 18.06
C GLN B 79 0.35 -1.64 16.94
N TRP B 80 0.95 -2.82 16.98
CA TRP B 80 1.91 -3.23 15.98
C TRP B 80 1.27 -3.24 14.59
N PHE B 81 0.03 -3.71 14.52
CA PHE B 81 -0.68 -3.80 13.25
C PHE B 81 -1.19 -2.47 12.65
N ARG B 82 -1.05 -1.35 13.37
CA ARG B 82 -1.47 -0.08 12.79
C ARG B 82 -0.51 0.19 11.63
N HIS B 83 0.62 -0.50 11.62
CA HIS B 83 1.62 -0.35 10.56
C HIS B 83 1.17 -1.26 9.43
N ARG B 84 0.73 -0.62 8.35
CA ARG B 84 0.18 -1.30 7.19
C ARG B 84 1.14 -1.75 6.10
N THR B 85 2.32 -1.15 6.06
CA THR B 85 3.31 -1.50 5.06
C THR B 85 4.05 -2.79 5.40
N ALA B 86 3.34 -3.79 5.89
CA ALA B 86 3.98 -5.05 6.26
C ALA B 86 3.04 -6.22 6.00
N SER B 87 3.61 -7.42 5.93
CA SER B 87 2.82 -8.62 5.73
C SER B 87 2.83 -9.38 7.04
N VAL B 88 1.67 -9.89 7.46
CA VAL B 88 1.61 -10.63 8.71
C VAL B 88 0.66 -11.81 8.61
N ASN B 89 0.97 -12.85 9.38
CA ASN B 89 0.15 -14.04 9.44
C ASN B 89 0.15 -14.47 10.88
N GLU B 90 -1.00 -14.36 11.51
CA GLU B 90 -1.13 -14.69 12.92
C GLU B 90 -1.92 -15.97 13.15
N ILE B 91 -1.78 -16.49 14.37
CA ILE B 91 -2.50 -17.69 14.79
C ILE B 91 -3.97 -17.27 14.88
N SER B 92 -4.84 -17.92 14.10
CA SER B 92 -6.25 -17.57 14.14
C SER B 92 -6.97 -18.15 15.36
N GLY B 93 -7.62 -17.28 16.11
CA GLY B 93 -8.36 -17.74 17.27
C GLY B 93 -9.55 -18.53 16.77
N ARG B 94 -9.77 -18.50 15.45
CA ARG B 94 -10.89 -19.21 14.85
C ARG B 94 -10.57 -20.70 14.66
N TYR B 95 -9.49 -20.97 13.93
CA TYR B 95 -9.08 -22.34 13.65
C TYR B 95 -8.53 -23.12 14.83
N SER B 96 -7.58 -22.54 15.56
CA SER B 96 -6.96 -23.24 16.68
C SER B 96 -7.39 -22.83 18.09
N ILE B 97 -6.89 -23.58 19.07
CA ILE B 97 -7.18 -23.32 20.48
C ILE B 97 -6.01 -22.53 21.06
N LEU B 98 -6.33 -21.57 21.91
CA LEU B 98 -5.31 -20.70 22.50
C LEU B 98 -4.73 -21.14 23.83
N LYS B 99 -3.39 -21.19 23.88
CA LYS B 99 -2.67 -21.58 25.08
C LYS B 99 -3.00 -20.63 26.21
N GLU B 100 -2.90 -21.11 27.45
CA GLU B 100 -3.17 -20.28 28.60
C GLU B 100 -1.91 -19.57 29.03
N GLU B 101 -1.64 -18.43 28.41
CA GLU B 101 -0.47 -17.64 28.74
C GLU B 101 -0.88 -16.19 28.54
N PHE B 102 -0.69 -15.38 29.57
CA PHE B 102 -1.05 -13.97 29.50
C PHE B 102 0.12 -13.09 29.88
N TYR B 103 -0.02 -11.80 29.60
CA TYR B 103 1.02 -10.86 29.94
C TYR B 103 0.83 -10.43 31.38
N GLU B 104 1.65 -10.99 32.25
CA GLU B 104 1.62 -10.67 33.66
C GLU B 104 2.75 -9.66 33.85
N PRO B 105 2.41 -8.36 33.80
CA PRO B 105 3.40 -7.29 33.97
C PRO B 105 4.29 -7.48 35.19
N GLU B 106 5.50 -6.94 35.13
CA GLU B 106 6.43 -7.06 36.24
C GLU B 106 6.10 -5.98 37.27
N ALA B 107 5.77 -4.80 36.77
CA ALA B 107 5.41 -3.66 37.62
C ALA B 107 4.26 -2.90 36.93
N PHE B 108 3.42 -2.23 37.72
CA PHE B 108 2.29 -1.50 37.15
C PHE B 108 2.53 -0.01 36.92
N ARG B 109 2.85 0.33 35.67
CA ARG B 109 3.13 1.70 35.26
C ARG B 109 2.04 2.67 35.71
N LEU B 131 -5.03 -10.07 41.38
CA LEU B 131 -6.26 -9.53 40.82
C LEU B 131 -6.29 -9.81 39.32
N LEU B 132 -5.19 -9.54 38.63
CA LEU B 132 -5.08 -9.78 37.20
C LEU B 132 -5.16 -11.30 37.02
N ARG B 133 -4.76 -12.03 38.05
CA ARG B 133 -4.79 -13.48 38.04
C ARG B 133 -6.25 -13.92 38.08
N LYS B 134 -7.03 -13.22 38.90
CA LYS B 134 -8.43 -13.53 39.06
C LYS B 134 -9.13 -13.61 37.71
N VAL B 135 -9.19 -12.48 37.01
CA VAL B 135 -9.84 -12.39 35.72
C VAL B 135 -9.35 -13.44 34.71
N GLN B 136 -8.03 -13.56 34.55
CA GLN B 136 -7.46 -14.53 33.62
C GLN B 136 -8.02 -15.92 33.87
N GLN B 137 -8.01 -16.31 35.13
CA GLN B 137 -8.52 -17.63 35.52
C GLN B 137 -10.01 -17.73 35.19
N GLU B 138 -10.80 -16.78 35.68
CA GLU B 138 -12.23 -16.81 35.38
C GLU B 138 -12.41 -16.84 33.86
N ALA B 139 -11.78 -15.89 33.18
CA ALA B 139 -11.86 -15.81 31.73
C ALA B 139 -11.43 -17.12 31.06
N TYR B 140 -10.27 -17.65 31.44
CA TYR B 140 -9.81 -18.90 30.84
C TYR B 140 -10.73 -20.04 31.27
N GLY B 141 -11.35 -19.86 32.44
CA GLY B 141 -12.25 -20.88 32.94
C GLY B 141 -13.49 -20.96 32.08
N ALA B 142 -14.10 -19.82 31.81
CA ALA B 142 -15.29 -19.75 31.00
C ALA B 142 -14.95 -20.24 29.59
N TYR B 143 -13.67 -20.10 29.24
CA TYR B 143 -13.21 -20.52 27.92
C TYR B 143 -13.43 -22.02 27.76
N ARG B 144 -12.78 -22.80 28.62
CA ARG B 144 -12.93 -24.25 28.57
C ARG B 144 -14.39 -24.61 28.75
N ALA B 145 -15.08 -23.87 29.60
CA ALA B 145 -16.49 -24.12 29.85
C ALA B 145 -17.27 -24.09 28.54
N LEU B 146 -17.18 -22.95 27.84
CA LEU B 146 -17.86 -22.76 26.56
C LEU B 146 -17.41 -23.86 25.59
N LEU B 147 -16.10 -24.10 25.55
CA LEU B 147 -15.56 -25.13 24.68
C LEU B 147 -16.18 -26.48 25.05
N GLU B 148 -16.14 -26.81 26.33
CA GLU B 148 -16.69 -28.06 26.85
C GLU B 148 -18.14 -28.24 26.41
N LYS B 149 -18.93 -27.18 26.52
CA LYS B 149 -20.33 -27.24 26.14
C LYS B 149 -20.45 -27.32 24.62
N GLY B 150 -19.31 -27.25 23.93
CA GLY B 150 -19.28 -27.34 22.49
C GLY B 150 -19.57 -26.09 21.66
N VAL B 151 -19.37 -24.91 22.26
CA VAL B 151 -19.62 -23.67 21.51
C VAL B 151 -18.47 -23.41 20.56
N ALA B 152 -18.78 -22.91 19.37
CA ALA B 152 -17.78 -22.60 18.34
C ALA B 152 -16.56 -21.88 18.90
N ARG B 153 -15.37 -22.38 18.58
CA ARG B 153 -14.14 -21.77 19.06
C ARG B 153 -14.05 -20.27 18.78
N GLU B 154 -14.53 -19.85 17.62
CA GLU B 154 -14.50 -18.44 17.26
C GLU B 154 -15.26 -17.53 18.23
N MET B 155 -16.21 -18.08 18.98
CA MET B 155 -16.98 -17.28 19.95
C MET B 155 -16.47 -17.52 21.37
N ALA B 156 -15.75 -18.62 21.57
CA ALA B 156 -15.24 -18.94 22.89
C ALA B 156 -14.13 -18.00 23.33
N ARG B 157 -13.11 -17.82 22.49
CA ARG B 157 -11.98 -16.94 22.81
C ARG B 157 -12.45 -15.52 23.06
N MET B 158 -13.71 -15.28 22.74
CA MET B 158 -14.33 -13.99 22.92
C MET B 158 -14.13 -13.46 24.35
N VAL B 159 -14.27 -14.34 25.33
CA VAL B 159 -14.13 -13.98 26.75
C VAL B 159 -12.70 -13.84 27.25
N LEU B 160 -11.73 -14.02 26.38
CA LEU B 160 -10.32 -13.90 26.78
C LEU B 160 -9.90 -12.45 26.88
N PRO B 161 -9.14 -12.12 27.94
CA PRO B 161 -8.69 -10.74 28.15
C PRO B 161 -7.73 -10.29 27.07
N LEU B 162 -7.56 -8.96 26.98
CA LEU B 162 -6.69 -8.34 25.99
C LEU B 162 -5.19 -8.59 26.25
N ASN B 163 -4.86 -9.16 27.41
CA ASN B 163 -3.46 -9.42 27.71
C ASN B 163 -3.06 -10.86 27.32
N LEU B 164 -4.00 -11.58 26.71
CA LEU B 164 -3.71 -12.94 26.26
C LEU B 164 -2.56 -12.86 25.26
N TYR B 165 -1.76 -13.92 25.18
CA TYR B 165 -0.63 -13.90 24.26
C TYR B 165 -1.04 -14.43 22.89
N THR B 166 -0.42 -13.89 21.85
CA THR B 166 -0.74 -14.35 20.52
C THR B 166 0.58 -14.46 19.78
N GLU B 167 0.57 -15.06 18.60
CA GLU B 167 1.80 -15.27 17.84
C GLU B 167 1.62 -14.95 16.36
N PHE B 168 2.65 -14.42 15.72
CA PHE B 168 2.53 -14.07 14.31
C PHE B 168 3.87 -13.89 13.62
N TYR B 169 3.85 -13.98 12.30
CA TYR B 169 5.02 -13.75 11.47
C TYR B 169 4.86 -12.31 10.96
N TRP B 170 5.97 -11.59 10.84
CA TRP B 170 5.97 -10.20 10.41
C TRP B 170 7.11 -9.91 9.45
N LYS B 171 6.75 -9.69 8.19
CA LYS B 171 7.73 -9.39 7.16
C LYS B 171 7.62 -7.91 6.81
N GLN B 172 8.74 -7.23 6.67
CA GLN B 172 8.74 -5.82 6.34
C GLN B 172 10.10 -5.34 5.79
N ASP B 173 10.07 -4.41 4.84
CA ASP B 173 11.30 -3.90 4.25
C ASP B 173 12.01 -2.93 5.23
N LEU B 174 13.32 -2.81 5.08
CA LEU B 174 14.13 -1.96 5.96
C LEU B 174 13.61 -0.52 6.10
N HIS B 175 13.33 0.13 4.98
CA HIS B 175 12.82 1.51 5.01
C HIS B 175 11.58 1.66 5.90
N ASN B 176 10.63 0.74 5.79
CA ASN B 176 9.43 0.84 6.61
C ASN B 176 9.69 0.35 8.03
N LEU B 177 10.69 -0.49 8.19
CA LEU B 177 11.05 -1.01 9.50
C LEU B 177 11.66 0.15 10.28
N PHE B 178 12.45 0.98 9.60
CA PHE B 178 13.04 2.14 10.27
C PHE B 178 11.92 3.04 10.76
N HIS B 179 10.91 3.21 9.92
CA HIS B 179 9.76 4.05 10.24
C HIS B 179 9.08 3.44 11.47
N PHE B 180 8.96 2.12 11.48
CA PHE B 180 8.36 1.42 12.62
C PHE B 180 9.20 1.67 13.88
N LEU B 181 10.52 1.55 13.75
CA LEU B 181 11.44 1.76 14.87
C LEU B 181 11.39 3.20 15.39
N LYS B 182 11.47 4.17 14.49
CA LYS B 182 11.41 5.57 14.90
C LYS B 182 10.18 5.88 15.75
N LEU B 183 9.04 5.30 15.38
CA LEU B 183 7.79 5.54 16.11
C LEU B 183 7.61 4.72 17.38
N ARG B 184 7.98 3.46 17.34
CA ARG B 184 7.80 2.59 18.50
C ARG B 184 8.93 2.63 19.52
N LEU B 185 10.04 3.26 19.15
CA LEU B 185 11.16 3.38 20.07
C LEU B 185 10.99 4.66 20.89
N ALA B 186 10.22 5.60 20.35
CA ALA B 186 9.95 6.87 21.00
C ALA B 186 9.29 6.72 22.37
N PRO B 187 9.61 7.63 23.32
CA PRO B 187 9.06 7.62 24.68
C PRO B 187 7.54 7.63 24.79
N GLU B 188 6.87 8.22 23.80
CA GLU B 188 5.41 8.30 23.80
C GLU B 188 4.82 6.90 23.61
N ALA B 189 5.49 6.10 22.80
CA ALA B 189 5.05 4.75 22.50
C ALA B 189 4.81 4.01 23.81
N GLN B 190 3.77 3.18 23.86
CA GLN B 190 3.51 2.43 25.08
C GLN B 190 4.72 1.55 25.34
N TRP B 191 5.11 1.49 26.62
CA TRP B 191 6.27 0.74 27.05
C TRP B 191 6.48 -0.63 26.41
N GLU B 192 5.50 -1.52 26.55
CA GLU B 192 5.62 -2.87 26.00
C GLU B 192 6.03 -2.92 24.53
N ILE B 193 5.29 -2.21 23.69
CA ILE B 193 5.59 -2.17 22.26
C ILE B 193 7.03 -1.69 22.10
N ARG B 194 7.43 -0.72 22.92
CA ARG B 194 8.77 -0.15 22.86
C ARG B 194 9.86 -1.22 23.14
N GLN B 195 9.58 -2.15 24.03
CA GLN B 195 10.54 -3.21 24.35
C GLN B 195 10.73 -4.05 23.11
N TYR B 196 9.61 -4.41 22.48
CA TYR B 196 9.61 -5.19 21.26
C TYR B 196 10.40 -4.45 20.18
N ALA B 197 10.26 -3.12 20.14
CA ALA B 197 11.00 -2.32 19.17
C ALA B 197 12.49 -2.37 19.50
N ARG B 198 12.82 -2.39 20.80
CA ARG B 198 14.20 -2.44 21.23
C ARG B 198 14.79 -3.76 20.75
N ALA B 199 14.04 -4.83 20.95
CA ALA B 199 14.48 -6.13 20.50
C ALA B 199 14.79 -6.08 19.02
N ILE B 200 13.81 -5.64 18.23
CA ILE B 200 13.99 -5.55 16.80
C ILE B 200 15.17 -4.68 16.44
N ALA B 201 15.22 -3.49 17.03
CA ALA B 201 16.32 -2.55 16.76
C ALA B 201 17.68 -3.21 16.93
N GLU B 202 17.86 -3.98 18.01
CA GLU B 202 19.12 -4.65 18.25
C GLU B 202 19.46 -5.59 17.11
N ILE B 203 18.47 -6.33 16.64
CA ILE B 203 18.67 -7.25 15.54
C ILE B 203 19.07 -6.50 14.27
N VAL B 204 18.26 -5.53 13.87
CA VAL B 204 18.57 -4.80 12.65
C VAL B 204 19.99 -4.21 12.64
N LYS B 205 20.40 -3.68 13.78
CA LYS B 205 21.73 -3.08 13.90
C LYS B 205 22.87 -4.05 13.52
N GLU B 206 22.80 -5.27 14.03
CA GLU B 206 23.84 -6.24 13.72
C GLU B 206 23.84 -6.69 12.25
N ARG B 207 22.66 -6.81 11.65
CA ARG B 207 22.55 -7.26 10.26
C ARG B 207 22.82 -6.21 9.18
N VAL B 208 22.46 -4.95 9.43
CA VAL B 208 22.73 -3.88 8.48
C VAL B 208 23.39 -2.71 9.21
N PRO B 209 24.66 -2.91 9.62
CA PRO B 209 25.47 -1.92 10.35
C PRO B 209 25.57 -0.55 9.70
N LEU B 210 26.00 -0.49 8.45
CA LEU B 210 26.11 0.80 7.76
C LEU B 210 24.78 1.54 7.69
N ALA B 211 23.68 0.81 7.53
CA ALA B 211 22.39 1.45 7.46
C ALA B 211 21.94 1.86 8.85
N TRP B 212 22.12 0.98 9.83
CA TRP B 212 21.70 1.34 11.17
C TRP B 212 22.37 2.62 11.64
N ALA B 213 23.67 2.73 11.38
CA ALA B 213 24.42 3.92 11.79
C ALA B 213 23.76 5.17 11.18
N ALA B 214 23.57 5.15 9.86
CA ALA B 214 22.97 6.27 9.16
C ALA B 214 21.60 6.58 9.76
N PHE B 215 20.87 5.56 10.15
CA PHE B 215 19.56 5.77 10.75
C PHE B 215 19.70 6.35 12.15
N GLU B 216 20.75 5.93 12.85
CA GLU B 216 21.01 6.40 14.22
C GLU B 216 21.43 7.87 14.27
N GLU B 217 22.21 8.31 13.30
CA GLU B 217 22.71 9.67 13.25
C GLU B 217 21.74 10.66 12.65
N HIS B 218 21.04 10.24 11.59
CA HIS B 218 20.11 11.12 10.91
C HIS B 218 18.67 11.16 11.37
N LEU B 219 18.12 10.03 11.81
CA LEU B 219 16.72 10.02 12.23
C LEU B 219 16.45 9.69 13.69
N LEU B 220 16.74 8.45 14.09
CA LEU B 220 16.48 8.06 15.46
C LEU B 220 16.89 9.15 16.43
N GLU B 221 18.21 9.29 16.61
CA GLU B 221 18.75 10.27 17.53
C GLU B 221 18.72 11.72 17.06
N GLY B 222 18.09 11.96 15.91
CA GLY B 222 18.00 13.33 15.40
C GLY B 222 16.70 14.00 15.78
N ALA B 223 16.35 15.09 15.10
CA ALA B 223 15.11 15.80 15.38
C ALA B 223 14.70 16.75 14.25
N PHE B 224 13.40 17.06 14.19
CA PHE B 224 12.89 17.96 13.17
C PHE B 224 12.58 19.32 13.81
N LEU B 225 13.07 20.39 13.18
CA LEU B 225 12.85 21.74 13.69
C LEU B 225 11.86 22.50 12.83
N SER B 226 10.98 23.24 13.49
CA SER B 226 9.97 24.03 12.80
C SER B 226 10.62 25.29 12.23
N ARG B 227 9.83 26.07 11.51
CA ARG B 227 10.32 27.29 10.90
C ARG B 227 10.68 28.37 11.92
N THR B 228 9.87 28.52 12.96
CA THR B 228 10.18 29.55 13.94
C THR B 228 11.40 29.14 14.79
N GLU B 229 11.65 27.84 14.87
CA GLU B 229 12.80 27.32 15.61
C GLU B 229 14.06 27.65 14.81
N LEU B 230 13.93 27.66 13.49
CA LEU B 230 15.05 27.96 12.62
C LEU B 230 15.26 29.47 12.52
N ARG B 231 14.18 30.24 12.63
CA ARG B 231 14.33 31.69 12.56
C ARG B 231 15.04 32.09 13.84
N ALA B 232 14.76 31.36 14.91
CA ALA B 232 15.39 31.61 16.20
C ALA B 232 16.88 31.37 16.06
N LEU B 233 17.23 30.22 15.50
CA LEU B 233 18.62 29.89 15.30
C LEU B 233 19.26 30.98 14.47
N ARG B 234 18.60 31.33 13.38
CA ARG B 234 19.10 32.35 12.48
C ARG B 234 19.33 33.65 13.26
N GLY B 235 18.55 33.86 14.30
CA GLY B 235 18.68 35.07 15.10
C GLY B 235 19.75 35.03 16.17
N LEU B 236 20.09 33.83 16.65
CA LEU B 236 21.12 33.71 17.68
C LEU B 236 22.50 33.48 17.06
N LEU B 237 22.67 32.39 16.32
CA LEU B 237 23.94 32.07 15.70
C LEU B 237 24.18 32.84 14.40
N THR B 238 25.34 32.58 13.79
CA THR B 238 25.73 33.21 12.53
C THR B 238 26.27 32.08 11.65
N PRO B 239 26.36 32.29 10.33
CA PRO B 239 26.89 31.19 9.51
C PRO B 239 28.25 30.75 10.06
N GLU B 240 29.21 31.67 10.03
CA GLU B 240 30.57 31.41 10.51
C GLU B 240 30.58 30.62 11.81
N VAL B 241 29.87 31.10 12.82
CA VAL B 241 29.81 30.43 14.11
C VAL B 241 29.34 28.99 13.98
N TYR B 242 28.21 28.79 13.33
CA TYR B 242 27.62 27.47 13.16
C TYR B 242 28.56 26.52 12.40
N GLU B 243 29.15 26.99 11.32
CA GLU B 243 30.07 26.15 10.54
C GLU B 243 31.18 25.59 11.42
N LYS B 244 31.82 26.45 12.20
CA LYS B 244 32.92 26.03 13.06
C LYS B 244 32.54 25.01 14.13
N ALA B 245 31.36 25.16 14.73
CA ALA B 245 30.93 24.22 15.76
C ALA B 245 30.52 22.88 15.14
N LEU B 246 30.08 22.93 13.89
CA LEU B 246 29.66 21.74 13.17
C LEU B 246 30.88 20.89 12.81
N SER B 247 31.77 21.48 12.01
CA SER B 247 33.00 20.83 11.55
C SER B 247 33.90 20.36 12.70
N SER B 248 33.99 21.17 13.74
CA SER B 248 34.82 20.81 14.88
C SER B 248 34.27 19.53 15.48
N LEU B 249 33.02 19.22 15.14
CA LEU B 249 32.37 18.02 15.66
C LEU B 249 32.49 16.84 14.71
N GLY B 250 33.01 17.09 13.51
CA GLY B 250 33.18 16.02 12.54
C GLY B 250 32.57 16.27 11.18
N LEU B 251 31.52 17.09 11.11
CA LEU B 251 30.88 17.35 9.82
C LEU B 251 31.78 18.00 8.79
N GLY B 252 31.80 17.38 7.62
CA GLY B 252 32.57 17.89 6.50
C GLY B 252 31.95 17.34 5.24
N GLY B 253 32.24 17.94 4.10
CA GLY B 253 31.69 17.46 2.85
C GLY B 253 30.33 18.05 2.60
N SER B 254 29.52 17.37 1.79
CA SER B 254 28.19 17.87 1.47
C SER B 254 27.30 17.90 2.72
N ARG B 255 27.61 17.06 3.70
CA ARG B 255 26.81 17.07 4.93
C ARG B 255 26.94 18.41 5.63
N LEU B 256 28.11 19.03 5.49
CA LEU B 256 28.36 20.32 6.13
C LEU B 256 27.61 21.43 5.41
N LYS B 257 27.68 21.45 4.09
CA LYS B 257 26.96 22.46 3.31
C LYS B 257 25.44 22.33 3.49
N GLU B 258 24.96 21.09 3.49
CA GLU B 258 23.53 20.87 3.66
C GLU B 258 23.02 21.34 5.02
N ALA B 259 23.75 21.01 6.10
CA ALA B 259 23.37 21.41 7.45
C ALA B 259 23.37 22.93 7.63
N LEU B 260 24.23 23.61 6.88
CA LEU B 260 24.33 25.06 6.96
C LEU B 260 23.22 25.73 6.15
N GLU B 261 22.73 25.05 5.13
CA GLU B 261 21.68 25.60 4.31
C GLU B 261 20.32 25.46 5.00
N LYS B 262 20.16 24.42 5.81
CA LYS B 262 18.90 24.20 6.52
C LYS B 262 18.56 25.39 7.40
N VAL B 263 19.58 26.14 7.79
CA VAL B 263 19.39 27.30 8.65
C VAL B 263 19.67 28.62 7.95
N PHE B 264 20.70 28.66 7.11
CA PHE B 264 21.05 29.89 6.42
C PHE B 264 20.83 29.70 4.91
N LEU C 5 -9.85 25.68 -8.81
CA LEU C 5 -10.51 24.91 -9.90
C LEU C 5 -9.50 24.50 -10.96
N THR C 6 -9.00 25.46 -11.76
CA THR C 6 -8.03 25.15 -12.83
C THR C 6 -6.79 26.03 -12.93
N ILE C 7 -5.63 25.49 -12.59
CA ILE C 7 -4.39 26.26 -12.67
C ILE C 7 -3.48 25.80 -13.83
N PRO C 8 -3.21 26.69 -14.79
CA PRO C 8 -2.34 26.32 -15.91
C PRO C 8 -0.89 26.12 -15.47
N VAL C 9 -0.20 25.17 -16.10
CA VAL C 9 1.19 24.88 -15.78
C VAL C 9 1.97 24.65 -17.07
N LEU C 10 3.18 25.20 -17.13
CA LEU C 10 4.02 25.11 -18.31
C LEU C 10 3.30 25.77 -19.47
N ASP C 11 3.65 25.40 -20.70
CA ASP C 11 3.04 26.03 -21.86
C ASP C 11 1.69 25.45 -22.28
N LYS C 12 1.43 24.19 -21.96
CA LYS C 12 0.18 23.58 -22.35
C LYS C 12 -0.51 22.75 -21.26
N GLY C 13 0.16 22.54 -20.14
CA GLY C 13 -0.42 21.75 -19.07
C GLY C 13 -1.35 22.47 -18.11
N PHE C 14 -1.82 21.75 -17.11
CA PHE C 14 -2.71 22.32 -16.10
C PHE C 14 -2.96 21.35 -14.96
N VAL C 15 -3.52 21.87 -13.88
CA VAL C 15 -3.89 21.09 -12.71
C VAL C 15 -5.31 21.53 -12.39
N ARG C 16 -6.21 20.57 -12.27
CA ARG C 16 -7.61 20.85 -11.96
C ARG C 16 -8.09 20.08 -10.74
N LEU C 17 -8.89 20.73 -9.91
CA LEU C 17 -9.46 20.08 -8.75
C LEU C 17 -10.76 19.50 -9.26
N VAL C 18 -10.86 18.18 -9.25
CA VAL C 18 -12.04 17.49 -9.72
C VAL C 18 -13.01 17.27 -8.58
N ASP C 19 -12.47 16.92 -7.42
CA ASP C 19 -13.33 16.71 -6.27
C ASP C 19 -12.47 16.67 -5.02
N GLN C 20 -13.11 16.81 -3.88
CA GLN C 20 -12.41 16.82 -2.61
C GLN C 20 -13.27 16.21 -1.51
N MET C 21 -12.68 15.34 -0.69
CA MET C 21 -13.42 14.75 0.41
C MET C 21 -12.89 15.29 1.74
N GLY C 22 -13.68 16.16 2.38
CA GLY C 22 -13.30 16.72 3.66
C GLY C 22 -12.34 17.91 3.60
N ASP C 23 -12.31 18.66 4.71
CA ASP C 23 -11.43 19.79 4.88
C ASP C 23 -10.85 19.75 6.30
N ASP C 24 -10.32 20.87 6.78
CA ASP C 24 -9.75 20.91 8.12
C ASP C 24 -10.65 20.24 9.17
N ARG C 25 -11.96 20.43 9.00
CA ARG C 25 -12.94 19.87 9.92
C ARG C 25 -12.92 18.36 9.97
N ALA C 26 -12.69 17.72 8.82
CA ALA C 26 -12.68 16.26 8.78
C ALA C 26 -11.45 15.66 9.48
N ILE C 27 -10.38 16.45 9.59
CA ILE C 27 -9.16 15.96 10.23
C ILE C 27 -9.45 15.85 11.73
N VAL C 28 -10.02 16.93 12.25
CA VAL C 28 -10.39 17.03 13.64
C VAL C 28 -11.56 16.12 13.98
N GLN C 29 -12.50 16.01 13.05
CA GLN C 29 -13.66 15.16 13.26
C GLN C 29 -13.23 13.69 13.44
N ALA C 30 -12.31 13.24 12.59
CA ALA C 30 -11.81 11.89 12.63
C ALA C 30 -10.89 11.70 13.83
N ALA C 31 -10.03 12.69 14.06
CA ALA C 31 -9.10 12.64 15.18
C ALA C 31 -9.93 12.37 16.42
N ARG C 32 -11.21 12.77 16.37
CA ARG C 32 -12.12 12.61 17.49
C ARG C 32 -13.07 11.43 17.36
N VAL C 33 -13.13 10.81 16.19
CA VAL C 33 -14.03 9.66 16.04
C VAL C 33 -15.42 10.17 16.44
N SER C 34 -15.76 11.36 15.98
CA SER C 34 -17.01 12.00 16.32
C SER C 34 -18.28 11.38 15.74
N TYR C 35 -19.37 11.51 16.49
CA TYR C 35 -20.66 11.01 16.05
C TYR C 35 -21.27 12.04 15.10
N GLY C 36 -20.78 13.28 15.20
CA GLY C 36 -21.27 14.35 14.36
C GLY C 36 -20.17 15.17 13.71
N GLU C 37 -20.36 16.48 13.67
CA GLU C 37 -19.37 17.38 13.07
C GLU C 37 -17.97 17.21 13.68
N GLY C 38 -17.92 16.97 14.99
CA GLY C 38 -16.65 16.80 15.65
C GLY C 38 -15.71 17.98 15.55
N THR C 39 -16.25 19.19 15.47
CA THR C 39 -15.43 20.39 15.39
C THR C 39 -15.72 21.26 16.60
N LYS C 40 -14.86 22.25 16.83
CA LYS C 40 -15.06 23.16 17.95
C LYS C 40 -14.84 24.59 17.47
N THR C 41 -13.89 25.29 18.08
CA THR C 41 -13.59 26.66 17.67
C THR C 41 -12.47 26.60 16.64
N VAL C 42 -12.44 27.56 15.71
CA VAL C 42 -11.37 27.56 14.72
C VAL C 42 -10.00 27.66 15.39
N ARG C 43 -9.95 28.23 16.59
CA ARG C 43 -8.67 28.34 17.28
C ARG C 43 -8.27 27.00 17.83
N GLU C 44 -9.21 26.29 18.45
CA GLU C 44 -8.87 25.00 19.03
C GLU C 44 -8.61 23.94 17.97
N ASP C 45 -9.36 24.00 16.87
CA ASP C 45 -9.17 23.02 15.82
C ASP C 45 -7.84 23.23 15.10
N ALA C 46 -7.36 24.47 15.08
CA ALA C 46 -6.08 24.77 14.44
C ALA C 46 -4.99 24.24 15.34
N ALA C 47 -5.18 24.42 16.64
CA ALA C 47 -4.24 23.95 17.66
C ALA C 47 -4.18 22.43 17.66
N LEU C 48 -5.34 21.78 17.53
CA LEU C 48 -5.39 20.33 17.49
C LEU C 48 -4.73 19.83 16.20
N ILE C 49 -4.92 20.54 15.09
CA ILE C 49 -4.33 20.13 13.82
C ILE C 49 -2.81 20.32 13.85
N ASP C 50 -2.35 21.33 14.58
CA ASP C 50 -0.92 21.59 14.69
C ASP C 50 -0.27 20.50 15.56
N TYR C 51 -1.00 20.06 16.58
CA TYR C 51 -0.49 19.03 17.46
C TYR C 51 -0.35 17.69 16.75
N LEU C 52 -1.37 17.29 15.99
CA LEU C 52 -1.35 16.03 15.26
C LEU C 52 -0.22 16.05 14.22
N MET C 53 -0.07 17.17 13.53
CA MET C 53 0.96 17.34 12.50
C MET C 53 2.36 17.32 13.13
N ARG C 54 2.44 17.83 14.34
CA ARG C 54 3.68 17.93 15.10
C ARG C 54 4.11 16.67 15.84
N HIS C 55 3.18 15.75 16.10
CA HIS C 55 3.50 14.52 16.80
C HIS C 55 3.34 13.30 15.91
N ARG C 56 3.23 13.55 14.62
CA ARG C 56 3.08 12.51 13.63
C ARG C 56 1.89 11.57 13.79
N HIS C 57 0.80 12.07 14.39
CA HIS C 57 -0.42 11.29 14.52
C HIS C 57 -1.07 11.58 13.16
N THR C 58 -0.69 10.78 12.17
CA THR C 58 -1.11 10.95 10.77
C THR C 58 -2.44 10.39 10.23
N SER C 59 -3.05 9.45 10.93
CA SER C 59 -4.31 8.86 10.47
C SER C 59 -5.40 9.87 10.11
N PRO C 60 -5.64 10.85 11.00
CA PRO C 60 -6.68 11.86 10.73
C PRO C 60 -6.46 12.60 9.42
N PHE C 61 -5.20 12.88 9.09
CA PHE C 61 -4.90 13.59 7.86
C PHE C 61 -5.25 12.76 6.63
N GLU C 62 -5.32 11.44 6.81
CA GLU C 62 -5.66 10.59 5.69
C GLU C 62 -7.16 10.63 5.41
N MET C 63 -7.92 11.29 6.29
CA MET C 63 -9.37 11.35 6.10
C MET C 63 -9.79 12.41 5.10
N VAL C 64 -8.82 13.15 4.58
CA VAL C 64 -9.09 14.17 3.59
C VAL C 64 -8.51 13.70 2.26
N VAL C 65 -9.29 13.83 1.18
CA VAL C 65 -8.85 13.35 -0.13
C VAL C 65 -9.05 14.37 -1.26
N PHE C 66 -8.07 14.46 -2.14
CA PHE C 66 -8.11 15.38 -3.25
C PHE C 66 -8.04 14.59 -4.54
N LYS C 67 -8.84 14.99 -5.52
CA LYS C 67 -8.82 14.31 -6.80
C LYS C 67 -8.53 15.37 -7.86
N PHE C 68 -7.42 15.20 -8.56
CA PHE C 68 -7.00 16.14 -9.60
C PHE C 68 -7.02 15.58 -11.01
N HIS C 69 -7.17 16.50 -11.96
CA HIS C 69 -7.14 16.15 -13.37
C HIS C 69 -5.89 16.88 -13.86
N VAL C 70 -4.86 16.14 -14.19
CA VAL C 70 -3.60 16.73 -14.60
C VAL C 70 -3.18 16.47 -16.03
N LYS C 71 -2.59 17.49 -16.65
CA LYS C 71 -2.08 17.41 -18.00
C LYS C 71 -0.61 17.86 -17.92
N ALA C 72 0.31 16.93 -18.17
CA ALA C 72 1.73 17.22 -18.07
C ALA C 72 2.52 16.37 -19.05
N PRO C 73 3.81 16.68 -19.24
CA PRO C 73 4.65 15.91 -20.17
C PRO C 73 4.86 14.52 -19.59
N ILE C 74 4.96 13.53 -20.47
CA ILE C 74 5.17 12.18 -20.00
C ILE C 74 6.30 12.11 -19.00
N PHE C 75 7.44 12.71 -19.31
CA PHE C 75 8.57 12.63 -18.38
C PHE C 75 8.24 13.21 -17.01
N VAL C 76 7.29 14.14 -16.95
CA VAL C 76 6.89 14.70 -15.67
C VAL C 76 6.05 13.63 -14.98
N ALA C 77 5.12 13.05 -15.73
CA ALA C 77 4.24 12.00 -15.23
C ALA C 77 5.02 10.82 -14.65
N ARG C 78 6.17 10.50 -15.24
CA ARG C 78 6.98 9.39 -14.77
C ARG C 78 7.53 9.65 -13.38
N GLN C 79 7.87 10.89 -13.08
CA GLN C 79 8.39 11.22 -11.75
C GLN C 79 7.24 11.18 -10.78
N TRP C 80 6.13 11.73 -11.22
CA TRP C 80 4.93 11.79 -10.43
C TRP C 80 4.53 10.38 -9.96
N PHE C 81 4.54 9.44 -10.88
CA PHE C 81 4.13 8.07 -10.58
C PHE C 81 5.07 7.29 -9.66
N ARG C 82 6.15 7.90 -9.19
CA ARG C 82 7.02 7.17 -8.28
C ARG C 82 6.23 7.02 -6.98
N HIS C 83 5.36 8.00 -6.73
CA HIS C 83 4.53 8.02 -5.54
C HIS C 83 3.45 6.97 -5.70
N ARG C 84 3.61 5.89 -4.97
CA ARG C 84 2.71 4.76 -5.04
C ARG C 84 1.42 4.89 -4.26
N THR C 85 1.44 5.65 -3.18
CA THR C 85 0.26 5.84 -2.34
C THR C 85 -0.81 6.71 -3.00
N ALA C 86 -1.18 6.39 -4.22
CA ALA C 86 -2.17 7.21 -4.91
C ALA C 86 -2.83 6.36 -5.95
N SER C 87 -3.98 6.81 -6.43
CA SER C 87 -4.69 6.09 -7.48
C SER C 87 -4.55 6.95 -8.72
N VAL C 88 -4.33 6.30 -9.85
CA VAL C 88 -4.19 7.07 -11.08
C VAL C 88 -4.82 6.36 -12.25
N ASN C 89 -5.34 7.15 -13.17
CA ASN C 89 -5.90 6.63 -14.41
C ASN C 89 -5.50 7.65 -15.43
N GLU C 90 -4.68 7.18 -16.37
CA GLU C 90 -4.10 7.98 -17.43
C GLU C 90 -4.69 7.62 -18.78
N ILE C 91 -4.78 8.59 -19.69
CA ILE C 91 -5.30 8.26 -21.00
C ILE C 91 -4.28 7.30 -21.61
N SER C 92 -4.76 6.17 -22.13
CA SER C 92 -3.89 5.14 -22.71
C SER C 92 -3.55 5.25 -24.18
N GLY C 93 -2.25 5.14 -24.49
CA GLY C 93 -1.79 5.20 -25.86
C GLY C 93 -2.02 3.87 -26.56
N ARG C 94 -2.78 3.00 -25.93
CA ARG C 94 -3.11 1.70 -26.52
C ARG C 94 -4.53 1.74 -27.04
N TYR C 95 -5.30 2.72 -26.57
CA TYR C 95 -6.68 2.82 -27.00
C TYR C 95 -7.01 4.05 -27.83
N SER C 96 -6.62 5.21 -27.35
CA SER C 96 -6.90 6.43 -28.09
C SER C 96 -5.70 6.94 -28.87
N ILE C 97 -5.96 7.87 -29.77
CA ILE C 97 -4.89 8.45 -30.57
C ILE C 97 -4.40 9.68 -29.82
N LEU C 98 -3.11 9.73 -29.54
CA LEU C 98 -2.54 10.85 -28.79
C LEU C 98 -2.53 12.15 -29.58
N LYS C 99 -2.87 13.25 -28.92
CA LYS C 99 -2.87 14.55 -29.58
C LYS C 99 -1.45 15.06 -29.81
N GLU C 100 -1.28 15.84 -30.86
CA GLU C 100 0.03 16.39 -31.16
C GLU C 100 0.30 17.63 -30.32
N GLU C 101 0.81 17.43 -29.12
CA GLU C 101 1.13 18.53 -28.22
C GLU C 101 2.38 18.19 -27.43
N PHE C 102 3.32 19.13 -27.41
CA PHE C 102 4.57 18.93 -26.71
C PHE C 102 4.89 20.07 -25.78
N TYR C 103 5.84 19.83 -24.90
CA TYR C 103 6.26 20.83 -23.96
C TYR C 103 7.44 21.59 -24.55
N GLU C 104 7.16 22.71 -25.20
CA GLU C 104 8.21 23.53 -25.77
C GLU C 104 8.72 24.39 -24.63
N PRO C 105 9.84 24.00 -23.99
CA PRO C 105 10.36 24.80 -22.87
C PRO C 105 10.65 26.24 -23.30
N GLU C 106 10.21 27.20 -22.49
CA GLU C 106 10.45 28.59 -22.82
C GLU C 106 11.96 28.78 -23.02
N ALA C 107 12.74 28.25 -22.10
CA ALA C 107 14.19 28.37 -22.17
C ALA C 107 14.83 27.08 -21.67
N PHE C 108 15.95 26.69 -22.27
CA PHE C 108 16.66 25.47 -21.87
C PHE C 108 17.61 25.74 -20.71
N ARG C 109 18.00 24.70 -19.99
CA ARG C 109 18.91 24.85 -18.86
C ARG C 109 20.18 24.04 -19.07
N LEU C 131 14.97 23.03 -33.72
CA LEU C 131 15.47 21.67 -33.60
C LEU C 131 14.41 20.81 -32.93
N LEU C 132 14.17 21.06 -31.65
CA LEU C 132 13.15 20.33 -30.89
C LEU C 132 11.86 20.23 -31.68
N ARG C 133 11.57 21.23 -32.50
CA ARG C 133 10.35 21.23 -33.32
C ARG C 133 10.43 20.18 -34.43
N LYS C 134 11.58 20.14 -35.10
CA LYS C 134 11.79 19.20 -36.19
C LYS C 134 11.58 17.77 -35.73
N VAL C 135 12.33 17.35 -34.72
CA VAL C 135 12.19 16.00 -34.20
C VAL C 135 10.74 15.69 -33.86
N GLN C 136 10.08 16.60 -33.15
CA GLN C 136 8.67 16.43 -32.78
C GLN C 136 7.74 16.22 -33.97
N GLN C 137 8.00 16.95 -35.05
CA GLN C 137 7.18 16.82 -36.26
C GLN C 137 7.42 15.47 -36.92
N GLU C 138 8.68 15.14 -37.14
CA GLU C 138 9.03 13.87 -37.75
C GLU C 138 8.38 12.77 -36.93
N ALA C 139 8.54 12.89 -35.61
CA ALA C 139 8.01 11.93 -34.65
C ALA C 139 6.51 11.77 -34.76
N TYR C 140 5.77 12.87 -34.78
CA TYR C 140 4.33 12.76 -34.90
C TYR C 140 4.02 12.33 -36.33
N GLY C 141 4.88 12.74 -37.27
CA GLY C 141 4.70 12.40 -38.67
C GLY C 141 4.81 10.91 -38.86
N ALA C 142 5.86 10.33 -38.30
CA ALA C 142 6.09 8.90 -38.38
C ALA C 142 4.92 8.21 -37.70
N TYR C 143 4.53 8.74 -36.54
CA TYR C 143 3.43 8.21 -35.76
C TYR C 143 2.15 8.20 -36.56
N ARG C 144 1.89 9.29 -37.28
CA ARG C 144 0.69 9.39 -38.11
C ARG C 144 0.83 8.47 -39.33
N ALA C 145 2.03 8.41 -39.89
CA ALA C 145 2.28 7.56 -41.05
C ALA C 145 2.21 6.09 -40.65
N LEU C 146 2.43 5.81 -39.36
CA LEU C 146 2.37 4.44 -38.87
C LEU C 146 0.90 4.07 -38.69
N LEU C 147 0.12 4.98 -38.12
CA LEU C 147 -1.31 4.73 -37.92
C LEU C 147 -2.01 4.43 -39.24
N GLU C 148 -1.73 5.23 -40.26
CA GLU C 148 -2.34 5.08 -41.59
C GLU C 148 -1.98 3.75 -42.26
N LYS C 149 -0.76 3.27 -42.02
CA LYS C 149 -0.30 2.01 -42.59
C LYS C 149 -0.99 0.84 -41.90
N GLY C 150 -1.91 1.15 -40.98
CA GLY C 150 -2.63 0.12 -40.27
C GLY C 150 -1.91 -0.43 -39.05
N VAL C 151 -0.83 0.24 -38.64
CA VAL C 151 -0.07 -0.18 -37.48
C VAL C 151 -0.90 0.04 -36.21
N ALA C 152 -0.78 -0.88 -35.25
CA ALA C 152 -1.53 -0.80 -33.98
C ALA C 152 -1.07 0.34 -33.07
N ARG C 153 -2.05 1.06 -32.51
CA ARG C 153 -1.78 2.17 -31.62
C ARG C 153 -0.71 1.85 -30.57
N GLU C 154 -0.90 0.76 -29.83
CA GLU C 154 0.03 0.37 -28.78
C GLU C 154 1.48 0.31 -29.24
N MET C 155 1.68 0.26 -30.55
CA MET C 155 3.02 0.20 -31.09
C MET C 155 3.48 1.49 -31.74
N ALA C 156 2.56 2.16 -32.44
CA ALA C 156 2.88 3.40 -33.13
C ALA C 156 3.34 4.54 -32.22
N ARG C 157 2.77 4.62 -31.03
CA ARG C 157 3.13 5.67 -30.08
C ARG C 157 4.53 5.53 -29.51
N MET C 158 5.24 4.46 -29.84
CA MET C 158 6.58 4.30 -29.30
C MET C 158 7.60 5.21 -29.98
N VAL C 159 7.21 5.88 -31.07
CA VAL C 159 8.14 6.80 -31.72
C VAL C 159 8.03 8.21 -31.13
N LEU C 160 7.01 8.45 -30.31
CA LEU C 160 6.81 9.76 -29.70
C LEU C 160 7.78 9.96 -28.52
N PRO C 161 8.24 11.21 -28.31
CA PRO C 161 9.18 11.62 -27.24
C PRO C 161 8.58 11.78 -25.84
N LEU C 162 9.45 11.89 -24.84
CA LEU C 162 9.02 12.02 -23.45
C LEU C 162 8.37 13.35 -23.06
N ASN C 163 8.46 14.35 -23.94
CA ASN C 163 7.86 15.65 -23.64
C ASN C 163 6.48 15.75 -24.29
N LEU C 164 5.93 14.60 -24.67
CA LEU C 164 4.59 14.55 -25.26
C LEU C 164 3.67 14.75 -24.07
N TYR C 165 2.58 15.48 -24.26
CA TYR C 165 1.65 15.70 -23.17
C TYR C 165 0.72 14.52 -22.92
N THR C 166 0.59 14.14 -21.65
CA THR C 166 -0.29 13.04 -21.27
C THR C 166 -1.28 13.60 -20.29
N GLU C 167 -2.34 12.86 -20.03
CA GLU C 167 -3.35 13.31 -19.08
C GLU C 167 -3.70 12.20 -18.12
N PHE C 168 -4.11 12.58 -16.91
CA PHE C 168 -4.48 11.60 -15.90
C PHE C 168 -5.21 12.18 -14.70
N TYR C 169 -5.93 11.31 -14.00
CA TYR C 169 -6.61 11.67 -12.78
C TYR C 169 -5.66 11.21 -11.68
N TRP C 170 -5.56 11.98 -10.62
CA TRP C 170 -4.67 11.65 -9.52
C TRP C 170 -5.40 11.92 -8.22
N LYS C 171 -5.61 10.85 -7.47
CA LYS C 171 -6.32 10.89 -6.19
C LYS C 171 -5.34 10.53 -5.08
N GLN C 172 -5.25 11.36 -4.07
CA GLN C 172 -4.35 11.11 -2.97
C GLN C 172 -4.90 11.76 -1.70
N ASP C 173 -4.73 11.11 -0.55
CA ASP C 173 -5.20 11.66 0.70
C ASP C 173 -4.20 12.72 1.15
N LEU C 174 -4.66 13.66 1.99
CA LEU C 174 -3.85 14.79 2.49
C LEU C 174 -2.49 14.41 3.03
N HIS C 175 -2.45 13.34 3.82
CA HIS C 175 -1.21 12.89 4.41
C HIS C 175 -0.16 12.61 3.33
N ASN C 176 -0.49 11.73 2.40
CA ASN C 176 0.42 11.42 1.34
C ASN C 176 0.64 12.59 0.39
N LEU C 177 -0.40 13.38 0.20
CA LEU C 177 -0.25 14.54 -0.67
C LEU C 177 0.82 15.43 -0.02
N PHE C 178 0.78 15.61 1.30
CA PHE C 178 1.78 16.43 1.96
C PHE C 178 3.20 15.89 1.71
N HIS C 179 3.38 14.58 1.86
CA HIS C 179 4.66 13.93 1.62
C HIS C 179 5.10 14.30 0.22
N PHE C 180 4.16 14.23 -0.72
CA PHE C 180 4.41 14.55 -2.12
C PHE C 180 4.87 15.99 -2.33
N LEU C 181 4.20 16.95 -1.70
CA LEU C 181 4.57 18.34 -1.87
C LEU C 181 5.90 18.68 -1.22
N LYS C 182 6.25 17.98 -0.15
CA LYS C 182 7.50 18.20 0.55
C LYS C 182 8.69 17.87 -0.34
N LEU C 183 8.56 16.80 -1.12
CA LEU C 183 9.60 16.33 -2.02
C LEU C 183 9.62 16.99 -3.39
N ARG C 184 8.45 17.29 -3.94
CA ARG C 184 8.41 17.89 -5.26
C ARG C 184 8.50 19.41 -5.26
N LEU C 185 8.39 20.01 -4.08
CA LEU C 185 8.48 21.45 -3.97
C LEU C 185 9.94 21.87 -3.74
N ALA C 186 10.75 20.94 -3.25
CA ALA C 186 12.16 21.17 -2.94
C ALA C 186 13.03 21.56 -4.14
N PRO C 187 14.18 22.21 -3.86
CA PRO C 187 15.14 22.67 -4.87
C PRO C 187 15.68 21.50 -5.69
N GLU C 188 15.87 20.38 -4.99
CA GLU C 188 16.36 19.16 -5.60
C GLU C 188 15.41 18.66 -6.68
N ALA C 189 14.11 18.66 -6.39
CA ALA C 189 13.12 18.19 -7.36
C ALA C 189 13.33 18.89 -8.71
N GLN C 190 13.05 18.19 -9.80
CA GLN C 190 13.23 18.78 -11.12
C GLN C 190 12.31 19.97 -11.29
N TRP C 191 12.75 20.96 -12.06
CA TRP C 191 11.99 22.19 -12.24
C TRP C 191 10.55 21.98 -12.69
N GLU C 192 10.37 21.27 -13.79
CA GLU C 192 9.04 21.05 -14.34
C GLU C 192 8.00 20.44 -13.40
N ILE C 193 8.38 19.48 -12.56
CA ILE C 193 7.41 18.89 -11.66
C ILE C 193 7.26 19.80 -10.45
N ARG C 194 8.26 20.63 -10.22
CA ARG C 194 8.23 21.56 -9.11
C ARG C 194 7.12 22.57 -9.41
N GLN C 195 6.93 22.89 -10.70
CA GLN C 195 5.89 23.83 -11.07
C GLN C 195 4.51 23.21 -10.84
N TYR C 196 4.39 21.91 -11.07
CA TYR C 196 3.13 21.22 -10.84
C TYR C 196 2.83 21.13 -9.34
N ALA C 197 3.87 20.98 -8.53
CA ALA C 197 3.70 20.91 -7.10
C ALA C 197 3.29 22.28 -6.60
N ARG C 198 3.85 23.33 -7.20
CA ARG C 198 3.50 24.67 -6.77
C ARG C 198 2.02 24.92 -7.00
N ALA C 199 1.49 24.43 -8.11
CA ALA C 199 0.07 24.60 -8.41
C ALA C 199 -0.79 23.87 -7.39
N ILE C 200 -0.48 22.59 -7.15
CA ILE C 200 -1.21 21.78 -6.18
C ILE C 200 -1.13 22.41 -4.79
N ALA C 201 0.03 22.95 -4.47
CA ALA C 201 0.22 23.60 -3.17
C ALA C 201 -0.79 24.73 -3.01
N GLU C 202 -0.95 25.52 -4.06
CA GLU C 202 -1.88 26.65 -4.04
C GLU C 202 -3.32 26.23 -3.80
N ILE C 203 -3.73 25.12 -4.41
CA ILE C 203 -5.08 24.63 -4.23
C ILE C 203 -5.26 24.08 -2.81
N VAL C 204 -4.28 23.34 -2.32
CA VAL C 204 -4.38 22.79 -0.99
C VAL C 204 -4.43 23.89 0.07
N LYS C 205 -3.60 24.91 -0.10
CA LYS C 205 -3.53 26.01 0.84
C LYS C 205 -4.91 26.68 0.97
N GLU C 206 -5.60 26.80 -0.14
CA GLU C 206 -6.92 27.41 -0.16
C GLU C 206 -8.02 26.55 0.43
N ARG C 207 -7.95 25.24 0.18
CA ARG C 207 -8.99 24.33 0.66
C ARG C 207 -8.83 23.82 2.10
N VAL C 208 -7.61 23.58 2.56
CA VAL C 208 -7.42 23.17 3.95
C VAL C 208 -6.42 24.12 4.59
N PRO C 209 -6.80 25.40 4.72
CA PRO C 209 -5.93 26.42 5.29
C PRO C 209 -5.26 26.05 6.62
N LEU C 210 -6.02 25.51 7.58
CA LEU C 210 -5.41 25.15 8.87
C LEU C 210 -4.37 24.05 8.68
N ALA C 211 -4.74 23.00 7.94
CA ALA C 211 -3.80 21.91 7.70
C ALA C 211 -2.55 22.48 7.04
N TRP C 212 -2.77 23.36 6.05
CA TRP C 212 -1.66 23.93 5.32
C TRP C 212 -0.73 24.77 6.17
N ALA C 213 -1.29 25.63 7.01
CA ALA C 213 -0.46 26.47 7.85
C ALA C 213 0.47 25.60 8.67
N ALA C 214 -0.07 24.54 9.25
CA ALA C 214 0.72 23.63 10.07
C ALA C 214 1.78 22.93 9.23
N PHE C 215 1.44 22.58 8.00
CA PHE C 215 2.38 21.90 7.11
C PHE C 215 3.53 22.83 6.73
N GLU C 216 3.20 24.09 6.51
CA GLU C 216 4.19 25.10 6.15
C GLU C 216 5.14 25.30 7.32
N GLU C 217 4.57 25.49 8.50
CA GLU C 217 5.31 25.72 9.73
C GLU C 217 6.22 24.58 10.23
N HIS C 218 5.72 23.34 10.23
CA HIS C 218 6.52 22.24 10.74
C HIS C 218 7.30 21.44 9.71
N LEU C 219 6.77 21.30 8.51
CA LEU C 219 7.45 20.54 7.46
C LEU C 219 8.09 21.35 6.36
N LEU C 220 7.27 21.80 5.42
CA LEU C 220 7.77 22.57 4.29
C LEU C 220 8.92 23.51 4.66
N GLU C 221 8.69 24.41 5.60
CA GLU C 221 9.70 25.38 6.00
C GLU C 221 10.52 24.99 7.22
N GLY C 222 10.40 23.75 7.66
CA GLY C 222 11.19 23.31 8.79
C GLY C 222 12.41 22.58 8.27
N ALA C 223 13.11 21.87 9.13
CA ALA C 223 14.28 21.12 8.69
C ALA C 223 14.58 19.99 9.65
N PHE C 224 15.16 18.93 9.12
CA PHE C 224 15.51 17.81 9.96
C PHE C 224 16.99 17.91 10.32
N LEU C 225 17.28 17.82 11.60
CA LEU C 225 18.66 17.91 12.05
C LEU C 225 19.13 16.59 12.59
N SER C 226 20.30 16.17 12.11
CA SER C 226 20.91 14.93 12.55
C SER C 226 21.38 15.15 13.98
N ARG C 227 21.93 14.11 14.58
CA ARG C 227 22.41 14.22 15.95
C ARG C 227 23.55 15.24 16.11
N THR C 228 24.63 15.09 15.34
CA THR C 228 25.74 16.02 15.48
C THR C 228 25.31 17.47 15.23
N GLU C 229 24.20 17.66 14.56
CA GLU C 229 23.71 19.01 14.32
C GLU C 229 23.10 19.55 15.62
N LEU C 230 22.33 18.70 16.30
CA LEU C 230 21.71 19.10 17.56
C LEU C 230 22.78 19.15 18.64
N ARG C 231 23.90 18.48 18.37
CA ARG C 231 25.00 18.46 19.31
C ARG C 231 25.74 19.79 19.19
N ALA C 232 25.96 20.24 17.96
CA ALA C 232 26.62 21.51 17.73
C ALA C 232 25.80 22.62 18.38
N LEU C 233 24.48 22.51 18.29
CA LEU C 233 23.57 23.49 18.89
C LEU C 233 23.66 23.45 20.40
N ARG C 234 23.79 22.25 20.96
CA ARG C 234 23.89 22.13 22.40
C ARG C 234 25.24 22.72 22.79
N GLY C 235 25.37 23.14 24.05
CA GLY C 235 26.62 23.73 24.50
C GLY C 235 26.91 25.07 23.87
N LEU C 236 26.58 25.21 22.59
CA LEU C 236 26.79 26.46 21.84
C LEU C 236 25.63 27.41 22.17
N LEU C 237 24.83 27.03 23.17
CA LEU C 237 23.69 27.79 23.61
C LEU C 237 23.28 27.25 24.98
N THR C 238 22.23 27.84 25.53
CA THR C 238 21.70 27.40 26.83
C THR C 238 20.18 27.53 26.83
N PRO C 239 19.50 26.63 27.54
CA PRO C 239 18.03 26.65 27.63
C PRO C 239 17.43 28.04 27.70
N GLU C 240 18.12 28.94 28.40
CA GLU C 240 17.63 30.30 28.53
C GLU C 240 17.89 31.15 27.29
N VAL C 241 19.08 31.04 26.71
CA VAL C 241 19.42 31.80 25.52
C VAL C 241 18.56 31.36 24.32
N TYR C 242 17.98 30.16 24.43
CA TYR C 242 17.14 29.62 23.36
C TYR C 242 15.68 30.02 23.60
N GLU C 243 15.18 29.82 24.81
CA GLU C 243 13.80 30.17 25.11
C GLU C 243 13.57 31.64 24.79
N LYS C 244 14.57 32.47 25.04
CA LYS C 244 14.46 33.89 24.78
C LYS C 244 13.99 34.16 23.35
N ALA C 245 14.76 33.70 22.39
CA ALA C 245 14.44 33.90 20.98
C ALA C 245 13.17 33.18 20.56
N LEU C 246 12.91 32.02 21.16
CA LEU C 246 11.73 31.26 20.84
C LEU C 246 10.49 32.03 21.29
N SER C 247 10.49 32.43 22.57
CA SER C 247 9.38 33.21 23.15
C SER C 247 9.14 34.51 22.39
N SER C 248 10.23 35.15 21.97
CA SER C 248 10.16 36.40 21.22
C SER C 248 9.58 36.18 19.84
N LEU C 249 8.97 35.01 19.65
CA LEU C 249 8.37 34.67 18.37
C LEU C 249 6.97 34.10 18.61
N GLY C 250 6.48 34.27 19.82
CA GLY C 250 5.16 33.78 20.14
C GLY C 250 5.16 32.33 20.59
N LEU C 251 6.25 31.61 20.31
CA LEU C 251 6.31 30.23 20.72
C LEU C 251 6.25 30.07 22.23
N GLY C 252 5.35 29.20 22.68
CA GLY C 252 5.18 28.94 24.10
C GLY C 252 4.48 27.62 24.32
N GLY C 253 4.04 27.37 25.54
CA GLY C 253 3.35 26.13 25.83
C GLY C 253 4.11 24.87 25.49
N SER C 254 3.39 23.88 24.97
CA SER C 254 3.98 22.60 24.61
C SER C 254 5.04 22.73 23.52
N ARG C 255 4.75 23.56 22.51
CA ARG C 255 5.70 23.75 21.42
C ARG C 255 7.06 24.22 21.95
N LEU C 256 7.05 25.23 22.79
CA LEU C 256 8.28 25.75 23.38
C LEU C 256 9.01 24.68 24.21
N LYS C 257 8.25 23.80 24.87
CA LYS C 257 8.84 22.74 25.66
C LYS C 257 9.51 21.74 24.73
N GLU C 258 8.91 21.59 23.55
CA GLU C 258 9.44 20.68 22.56
C GLU C 258 10.71 21.22 21.91
N ALA C 259 10.67 22.49 21.53
CA ALA C 259 11.83 23.13 20.92
C ALA C 259 13.03 23.01 21.85
N LEU C 260 12.79 23.18 23.15
CA LEU C 260 13.85 23.11 24.14
C LEU C 260 14.43 21.72 24.36
N GLU C 261 13.57 20.70 24.39
CA GLU C 261 14.04 19.35 24.63
C GLU C 261 14.77 18.69 23.47
N LYS C 262 14.50 19.15 22.26
CA LYS C 262 15.16 18.58 21.08
C LYS C 262 16.65 18.81 21.21
N VAL C 263 17.02 19.94 21.79
CA VAL C 263 18.42 20.30 21.98
C VAL C 263 18.94 19.82 23.34
N PHE C 264 18.09 19.90 24.35
CA PHE C 264 18.47 19.49 25.69
C PHE C 264 17.59 18.33 26.16
N GLY C 265 16.45 18.66 26.75
CA GLY C 265 15.53 17.63 27.22
C GLY C 265 16.16 16.41 27.86
N LEU D 5 -28.60 7.41 7.69
CA LEU D 5 -27.27 6.92 7.24
C LEU D 5 -26.63 5.99 8.26
N THR D 6 -27.42 5.51 9.20
CA THR D 6 -26.92 4.63 10.24
C THR D 6 -27.62 3.27 10.27
N ILE D 7 -26.82 2.21 10.26
CA ILE D 7 -27.33 0.86 10.30
C ILE D 7 -26.78 0.10 11.50
N PRO D 8 -27.63 -0.20 12.50
CA PRO D 8 -27.22 -0.93 13.69
C PRO D 8 -26.82 -2.35 13.31
N VAL D 9 -25.84 -2.88 14.03
CA VAL D 9 -25.35 -4.22 13.77
C VAL D 9 -25.14 -4.84 15.14
N LEU D 10 -25.46 -6.13 15.25
CA LEU D 10 -25.34 -6.83 16.52
C LEU D 10 -26.26 -6.21 17.59
N ASP D 11 -25.82 -6.20 18.83
CA ASP D 11 -26.65 -5.67 19.90
C ASP D 11 -26.37 -4.22 20.30
N LYS D 12 -25.18 -3.71 19.95
CA LYS D 12 -24.83 -2.34 20.30
C LYS D 12 -23.99 -1.65 19.23
N GLY D 13 -23.62 -2.39 18.19
CA GLY D 13 -22.80 -1.83 17.13
C GLY D 13 -23.59 -1.10 16.06
N PHE D 14 -22.88 -0.62 15.05
CA PHE D 14 -23.51 0.11 13.96
C PHE D 14 -22.48 0.51 12.92
N VAL D 15 -22.97 1.01 11.79
CA VAL D 15 -22.12 1.48 10.71
C VAL D 15 -22.83 2.70 10.19
N ARG D 16 -22.15 3.84 10.12
CA ARG D 16 -22.80 5.02 9.57
C ARG D 16 -21.88 5.73 8.58
N LEU D 17 -22.43 6.04 7.41
CA LEU D 17 -21.70 6.73 6.36
C LEU D 17 -21.41 8.12 6.84
N VAL D 18 -20.13 8.47 6.94
CA VAL D 18 -19.72 9.80 7.38
C VAL D 18 -19.61 10.73 6.18
N ASP D 19 -19.05 10.24 5.09
CA ASP D 19 -18.88 11.03 3.88
C ASP D 19 -18.66 10.10 2.71
N GLN D 20 -18.65 10.67 1.51
CA GLN D 20 -18.47 9.89 0.30
C GLN D 20 -17.99 10.81 -0.79
N MET D 21 -17.01 10.36 -1.57
CA MET D 21 -16.48 11.15 -2.65
C MET D 21 -16.71 10.41 -3.95
N GLY D 22 -17.57 10.99 -4.79
CA GLY D 22 -17.88 10.38 -6.06
C GLY D 22 -18.93 9.30 -5.96
N ASP D 23 -19.52 8.98 -7.10
CA ASP D 23 -20.52 7.93 -7.19
C ASP D 23 -20.30 7.28 -8.55
N ASP D 24 -21.29 6.53 -9.02
CA ASP D 24 -21.17 5.88 -10.32
C ASP D 24 -20.58 6.82 -11.37
N ARG D 25 -21.04 8.05 -11.40
CA ARG D 25 -20.54 9.03 -12.36
C ARG D 25 -19.04 9.28 -12.22
N ALA D 26 -18.50 9.08 -11.03
CA ALA D 26 -17.07 9.32 -10.80
C ALA D 26 -16.24 8.21 -11.44
N ILE D 27 -16.74 6.98 -11.36
CA ILE D 27 -16.04 5.84 -11.94
C ILE D 27 -15.84 6.05 -13.43
N VAL D 28 -16.95 6.36 -14.10
CA VAL D 28 -16.98 6.60 -15.52
C VAL D 28 -16.21 7.85 -15.93
N GLN D 29 -16.28 8.88 -15.11
CA GLN D 29 -15.58 10.12 -15.40
C GLN D 29 -14.08 9.88 -15.43
N ALA D 30 -13.57 9.20 -14.40
CA ALA D 30 -12.15 8.91 -14.30
C ALA D 30 -11.66 8.03 -15.46
N ALA D 31 -12.45 7.02 -15.81
CA ALA D 31 -12.08 6.13 -16.90
C ALA D 31 -11.89 6.94 -18.19
N ARG D 32 -12.57 8.08 -18.27
CA ARG D 32 -12.46 8.93 -19.45
C ARG D 32 -11.44 10.04 -19.34
N VAL D 33 -11.13 10.46 -18.11
CA VAL D 33 -10.15 11.54 -17.90
C VAL D 33 -10.73 12.85 -18.43
N SER D 34 -11.98 13.14 -18.06
CA SER D 34 -12.67 14.33 -18.53
C SER D 34 -12.27 15.64 -17.88
N TYR D 35 -12.66 16.73 -18.52
CA TYR D 35 -12.38 18.06 -18.01
C TYR D 35 -13.74 18.58 -17.54
N GLY D 36 -14.76 17.77 -17.83
CA GLY D 36 -16.12 18.10 -17.43
C GLY D 36 -16.72 17.01 -16.56
N GLU D 37 -18.05 16.88 -16.58
CA GLU D 37 -18.73 15.87 -15.79
C GLU D 37 -18.31 14.44 -16.12
N GLY D 38 -17.91 14.23 -17.37
CA GLY D 38 -17.47 12.91 -17.81
C GLY D 38 -18.55 11.84 -17.83
N THR D 39 -19.82 12.24 -17.83
CA THR D 39 -20.92 11.29 -17.86
C THR D 39 -21.72 11.37 -19.15
N LYS D 40 -22.01 10.20 -19.72
CA LYS D 40 -22.79 10.11 -20.95
C LYS D 40 -24.25 9.81 -20.62
N THR D 41 -24.57 8.52 -20.55
CA THR D 41 -25.92 8.07 -20.25
C THR D 41 -25.96 6.87 -19.31
N VAL D 42 -26.98 6.82 -18.45
CA VAL D 42 -27.12 5.71 -17.51
C VAL D 42 -26.94 4.38 -18.21
N ARG D 43 -27.35 4.30 -19.46
CA ARG D 43 -27.19 3.06 -20.20
C ARG D 43 -25.72 2.91 -20.57
N GLU D 44 -25.20 3.92 -21.27
CA GLU D 44 -23.82 3.87 -21.72
C GLU D 44 -22.79 3.79 -20.58
N ASP D 45 -23.08 4.45 -19.48
CA ASP D 45 -22.15 4.43 -18.36
C ASP D 45 -22.24 3.09 -17.63
N ALA D 46 -23.48 2.61 -17.44
CA ALA D 46 -23.71 1.34 -16.78
C ALA D 46 -22.95 0.26 -17.54
N ALA D 47 -22.77 0.49 -18.83
CA ALA D 47 -22.07 -0.47 -19.68
C ALA D 47 -20.56 -0.34 -19.52
N LEU D 48 -20.09 0.88 -19.37
CA LEU D 48 -18.65 1.11 -19.20
C LEU D 48 -18.24 0.51 -17.86
N ILE D 49 -19.06 0.76 -16.84
CA ILE D 49 -18.79 0.26 -15.51
C ILE D 49 -18.72 -1.26 -15.48
N ASP D 50 -19.68 -1.90 -16.12
CA ASP D 50 -19.72 -3.36 -16.16
C ASP D 50 -18.50 -3.88 -16.91
N TYR D 51 -18.06 -3.12 -17.90
CA TYR D 51 -16.91 -3.49 -18.72
C TYR D 51 -15.61 -3.46 -17.90
N LEU D 52 -15.39 -2.33 -17.24
CA LEU D 52 -14.20 -2.11 -16.42
C LEU D 52 -14.06 -3.20 -15.35
N MET D 53 -15.17 -3.49 -14.70
CA MET D 53 -15.24 -4.49 -13.65
C MET D 53 -14.86 -5.90 -14.13
N ARG D 54 -15.56 -6.40 -15.13
CA ARG D 54 -15.28 -7.75 -15.62
C ARG D 54 -13.92 -7.86 -16.30
N HIS D 55 -13.32 -6.73 -16.64
CA HIS D 55 -12.02 -6.77 -17.28
C HIS D 55 -10.89 -6.36 -16.33
N ARG D 56 -11.24 -6.16 -15.06
CA ARG D 56 -10.26 -5.81 -14.06
C ARG D 56 -9.57 -4.44 -14.20
N HIS D 57 -10.22 -3.52 -14.92
CA HIS D 57 -9.69 -2.16 -15.09
C HIS D 57 -10.13 -1.48 -13.77
N THR D 58 -9.40 -1.79 -12.70
CA THR D 58 -9.72 -1.31 -11.36
C THR D 58 -9.44 0.13 -10.94
N SER D 59 -8.57 0.84 -11.65
CA SER D 59 -8.27 2.22 -11.27
C SER D 59 -9.47 3.16 -11.18
N PRO D 60 -10.39 3.10 -12.16
CA PRO D 60 -11.56 3.99 -12.09
C PRO D 60 -12.36 3.81 -10.80
N PHE D 61 -12.45 2.57 -10.33
CA PHE D 61 -13.17 2.28 -9.11
C PHE D 61 -12.50 2.87 -7.86
N GLU D 62 -11.22 3.22 -7.97
CA GLU D 62 -10.47 3.79 -6.85
C GLU D 62 -10.72 5.27 -6.73
N MET D 63 -11.48 5.82 -7.67
CA MET D 63 -11.78 7.25 -7.64
C MET D 63 -13.02 7.55 -6.81
N VAL D 64 -13.61 6.48 -6.26
CA VAL D 64 -14.77 6.59 -5.39
C VAL D 64 -14.30 6.19 -3.99
N VAL D 65 -14.62 7.01 -2.99
CA VAL D 65 -14.19 6.73 -1.62
C VAL D 65 -15.31 6.85 -0.59
N PHE D 66 -15.33 5.93 0.38
CA PHE D 66 -16.34 5.95 1.44
C PHE D 66 -15.63 6.07 2.79
N LYS D 67 -16.28 6.74 3.73
CA LYS D 67 -15.73 6.90 5.07
C LYS D 67 -16.84 6.56 6.04
N PHE D 68 -16.57 5.62 6.94
CA PHE D 68 -17.58 5.17 7.88
C PHE D 68 -17.20 5.36 9.33
N HIS D 69 -18.22 5.46 10.17
CA HIS D 69 -18.01 5.53 11.60
C HIS D 69 -18.54 4.16 12.01
N VAL D 70 -17.67 3.36 12.61
CA VAL D 70 -18.04 2.00 13.03
C VAL D 70 -17.82 1.73 14.52
N LYS D 71 -18.74 0.93 15.07
CA LYS D 71 -18.69 0.48 16.46
C LYS D 71 -18.95 -1.02 16.33
N ALA D 72 -17.94 -1.80 16.71
CA ALA D 72 -17.99 -3.26 16.64
C ALA D 72 -17.08 -3.82 17.73
N PRO D 73 -17.22 -5.11 18.03
CA PRO D 73 -16.40 -5.76 19.06
C PRO D 73 -14.94 -5.82 18.62
N ILE D 74 -14.03 -5.62 19.57
CA ILE D 74 -12.61 -5.66 19.30
C ILE D 74 -12.26 -6.86 18.42
N PHE D 75 -12.68 -8.05 18.81
CA PHE D 75 -12.33 -9.21 18.00
C PHE D 75 -12.75 -9.01 16.55
N VAL D 76 -13.91 -8.42 16.32
CA VAL D 76 -14.35 -8.19 14.95
C VAL D 76 -13.41 -7.16 14.31
N ALA D 77 -13.04 -6.15 15.09
CA ALA D 77 -12.15 -5.10 14.60
C ALA D 77 -10.80 -5.67 14.14
N ARG D 78 -10.31 -6.68 14.86
CA ARG D 78 -9.04 -7.30 14.52
C ARG D 78 -9.12 -7.90 13.12
N GLN D 79 -10.22 -8.57 12.83
CA GLN D 79 -10.40 -9.18 11.52
C GLN D 79 -10.53 -8.09 10.46
N TRP D 80 -11.23 -7.02 10.82
CA TRP D 80 -11.47 -5.91 9.93
C TRP D 80 -10.16 -5.24 9.52
N PHE D 81 -9.28 -5.00 10.50
CA PHE D 81 -8.03 -4.33 10.21
C PHE D 81 -7.02 -5.17 9.44
N ARG D 82 -7.32 -6.44 9.23
CA ARG D 82 -6.39 -7.26 8.45
C ARG D 82 -6.28 -6.57 7.10
N HIS D 83 -7.34 -5.86 6.73
CA HIS D 83 -7.36 -5.14 5.45
C HIS D 83 -6.52 -3.87 5.63
N ARG D 84 -5.36 -3.89 4.99
CA ARG D 84 -4.37 -2.82 5.07
C ARG D 84 -4.55 -1.67 4.09
N THR D 85 -5.45 -1.80 3.13
CA THR D 85 -5.66 -0.74 2.14
C THR D 85 -6.65 0.33 2.59
N ALA D 86 -6.79 0.53 3.89
CA ALA D 86 -7.73 1.52 4.37
C ALA D 86 -7.05 2.48 5.33
N SER D 87 -7.74 3.57 5.68
CA SER D 87 -7.22 4.53 6.63
C SER D 87 -8.09 4.31 7.83
N VAL D 88 -7.53 4.40 9.03
CA VAL D 88 -8.35 4.21 10.19
C VAL D 88 -7.89 5.00 11.39
N ASN D 89 -8.85 5.45 12.18
CA ASN D 89 -8.50 6.14 13.41
C ASN D 89 -9.42 5.57 14.47
N GLU D 90 -8.80 4.99 15.49
CA GLU D 90 -9.53 4.35 16.55
C GLU D 90 -9.35 5.06 17.86
N ILE D 91 -10.38 5.00 18.71
CA ILE D 91 -10.31 5.62 20.02
C ILE D 91 -9.23 4.81 20.74
N SER D 92 -8.32 5.48 21.44
CA SER D 92 -7.25 4.77 22.12
C SER D 92 -7.55 4.32 23.55
N GLY D 93 -7.16 3.10 23.85
CA GLY D 93 -7.36 2.56 25.19
C GLY D 93 -6.20 3.01 26.07
N ARG D 94 -5.45 4.00 25.59
CA ARG D 94 -4.33 4.54 26.34
C ARG D 94 -4.66 5.95 26.82
N TYR D 95 -5.71 6.54 26.24
CA TYR D 95 -6.09 7.90 26.61
C TYR D 95 -7.51 8.04 27.16
N SER D 96 -8.41 7.15 26.75
CA SER D 96 -9.78 7.23 27.22
C SER D 96 -10.17 6.06 28.13
N ILE D 97 -11.36 6.15 28.72
CA ILE D 97 -11.86 5.09 29.59
C ILE D 97 -12.89 4.31 28.79
N LEU D 98 -12.50 3.13 28.31
CA LEU D 98 -13.41 2.32 27.52
C LEU D 98 -14.73 2.07 28.23
N LYS D 99 -15.81 2.52 27.62
CA LYS D 99 -17.14 2.36 28.20
C LYS D 99 -17.54 0.89 28.32
N GLU D 100 -18.04 0.51 29.50
CA GLU D 100 -18.45 -0.86 29.77
C GLU D 100 -19.53 -1.28 28.78
N GLU D 101 -19.09 -1.53 27.55
CA GLU D 101 -19.99 -1.94 26.48
C GLU D 101 -19.51 -3.29 25.96
N PHE D 102 -20.35 -4.31 26.07
CA PHE D 102 -19.97 -5.63 25.62
C PHE D 102 -20.96 -6.24 24.66
N TYR D 103 -20.47 -7.14 23.84
CA TYR D 103 -21.29 -7.83 22.86
C TYR D 103 -21.81 -9.17 23.40
N GLU D 104 -23.11 -9.22 23.69
CA GLU D 104 -23.73 -10.44 24.18
C GLU D 104 -24.44 -11.11 23.01
N PRO D 105 -23.83 -12.17 22.46
CA PRO D 105 -24.40 -12.89 21.32
C PRO D 105 -25.89 -13.17 21.36
N GLU D 106 -26.51 -13.06 20.18
CA GLU D 106 -27.93 -13.34 20.02
C GLU D 106 -28.08 -14.77 20.53
N ALA D 107 -27.21 -15.64 20.04
CA ALA D 107 -27.19 -17.03 20.43
C ALA D 107 -25.78 -17.56 20.16
N PHE D 108 -25.41 -18.63 20.87
CA PHE D 108 -24.10 -19.22 20.69
C PHE D 108 -24.09 -20.26 19.56
N ARG D 109 -23.10 -20.16 18.68
CA ARG D 109 -22.99 -21.10 17.58
C ARG D 109 -22.23 -22.34 18.04
N LYS D 110 -22.62 -23.50 17.50
CA LYS D 110 -21.99 -24.76 17.87
C LYS D 110 -20.99 -25.26 16.82
N GLN D 111 -19.76 -25.49 17.26
CA GLN D 111 -18.71 -25.97 16.36
C GLN D 111 -17.51 -26.48 17.16
N LEU D 131 -22.60 -16.69 32.29
CA LEU D 131 -21.17 -17.02 32.35
C LEU D 131 -20.38 -15.96 31.59
N LEU D 132 -20.91 -15.51 30.46
CA LEU D 132 -20.25 -14.46 29.68
C LEU D 132 -20.45 -13.22 30.54
N ARG D 133 -21.72 -13.00 30.92
CA ARG D 133 -22.14 -11.90 31.77
C ARG D 133 -21.18 -11.82 32.95
N LYS D 134 -20.89 -13.00 33.49
CA LYS D 134 -20.00 -13.15 34.65
C LYS D 134 -18.61 -12.63 34.38
N VAL D 135 -17.94 -13.18 33.38
CA VAL D 135 -16.58 -12.75 33.05
C VAL D 135 -16.54 -11.24 32.79
N GLN D 136 -17.48 -10.74 32.00
CA GLN D 136 -17.54 -9.31 31.70
C GLN D 136 -17.59 -8.52 33.00
N GLN D 137 -18.65 -8.74 33.78
CA GLN D 137 -18.83 -8.05 35.06
C GLN D 137 -17.51 -7.97 35.81
N GLU D 138 -16.94 -9.13 36.12
CA GLU D 138 -15.69 -9.19 36.86
C GLU D 138 -14.56 -8.43 36.20
N ALA D 139 -14.39 -8.65 34.90
CA ALA D 139 -13.33 -7.98 34.17
C ALA D 139 -13.43 -6.46 34.31
N TYR D 140 -14.59 -5.90 33.99
CA TYR D 140 -14.76 -4.45 34.08
C TYR D 140 -14.49 -3.95 35.48
N GLY D 141 -14.94 -4.71 36.48
CA GLY D 141 -14.72 -4.32 37.86
C GLY D 141 -13.24 -4.26 38.19
N ALA D 142 -12.46 -5.13 37.53
CA ALA D 142 -11.02 -5.15 37.75
C ALA D 142 -10.43 -3.93 37.09
N TYR D 143 -11.07 -3.47 36.02
CA TYR D 143 -10.64 -2.31 35.25
C TYR D 143 -10.79 -1.01 36.04
N ARG D 144 -11.99 -0.78 36.59
CA ARG D 144 -12.21 0.43 37.38
C ARG D 144 -11.40 0.33 38.67
N ALA D 145 -11.17 -0.89 39.13
CA ALA D 145 -10.39 -1.12 40.33
C ALA D 145 -8.98 -0.58 40.07
N LEU D 146 -8.32 -1.10 39.03
CA LEU D 146 -6.98 -0.66 38.63
C LEU D 146 -6.93 0.85 38.42
N LEU D 147 -7.97 1.39 37.77
CA LEU D 147 -8.01 2.82 37.54
C LEU D 147 -8.05 3.51 38.90
N GLU D 148 -8.90 2.98 39.80
CA GLU D 148 -9.04 3.51 41.15
C GLU D 148 -7.72 3.44 41.92
N LYS D 149 -6.98 2.36 41.72
CA LYS D 149 -5.68 2.17 42.38
C LYS D 149 -4.65 3.12 41.78
N GLY D 150 -5.04 3.82 40.71
CA GLY D 150 -4.13 4.75 40.06
C GLY D 150 -3.28 4.17 38.96
N VAL D 151 -3.64 2.98 38.49
CA VAL D 151 -2.87 2.34 37.43
C VAL D 151 -3.13 3.10 36.14
N ALA D 152 -2.10 3.19 35.30
CA ALA D 152 -2.20 3.89 34.03
C ALA D 152 -3.27 3.28 33.12
N ARG D 153 -3.93 4.13 32.34
CA ARG D 153 -4.98 3.68 31.43
C ARG D 153 -4.49 2.60 30.48
N GLU D 154 -3.44 2.90 29.72
CA GLU D 154 -2.90 1.96 28.76
C GLU D 154 -2.71 0.55 29.29
N MET D 155 -2.41 0.43 30.57
CA MET D 155 -2.22 -0.89 31.17
C MET D 155 -3.50 -1.51 31.69
N ALA D 156 -4.26 -0.71 32.44
CA ALA D 156 -5.51 -1.19 33.03
C ALA D 156 -6.44 -1.88 32.04
N ARG D 157 -6.62 -1.29 30.85
CA ARG D 157 -7.51 -1.85 29.85
C ARG D 157 -7.14 -3.25 29.38
N MET D 158 -5.96 -3.73 29.75
CA MET D 158 -5.51 -5.05 29.32
C MET D 158 -6.29 -6.24 29.89
N VAL D 159 -7.13 -6.00 30.89
CA VAL D 159 -7.89 -7.09 31.48
C VAL D 159 -9.31 -7.23 30.91
N LEU D 160 -9.63 -6.42 29.91
CA LEU D 160 -10.95 -6.46 29.28
C LEU D 160 -11.03 -7.49 28.15
N PRO D 161 -12.19 -8.13 28.01
CA PRO D 161 -12.42 -9.16 26.99
C PRO D 161 -12.55 -8.68 25.55
N LEU D 162 -12.04 -9.49 24.62
CA LEU D 162 -12.08 -9.17 23.20
C LEU D 162 -13.47 -8.81 22.68
N ASN D 163 -14.52 -9.15 23.44
CA ASN D 163 -15.86 -8.83 22.98
C ASN D 163 -16.31 -7.45 23.45
N LEU D 164 -15.34 -6.66 23.88
CA LEU D 164 -15.58 -5.28 24.32
C LEU D 164 -15.78 -4.45 23.04
N TYR D 165 -16.74 -3.54 23.07
CA TYR D 165 -17.01 -2.71 21.91
C TYR D 165 -15.99 -1.60 21.78
N THR D 166 -15.61 -1.29 20.54
CA THR D 166 -14.68 -0.22 20.27
C THR D 166 -15.23 0.58 19.10
N GLU D 167 -14.64 1.75 18.84
CA GLU D 167 -15.09 2.61 17.75
C GLU D 167 -13.93 3.09 16.90
N PHE D 168 -14.24 3.46 15.67
CA PHE D 168 -13.23 3.94 14.78
C PHE D 168 -13.82 4.49 13.48
N TYR D 169 -13.00 5.24 12.76
CA TYR D 169 -13.35 5.77 11.46
C TYR D 169 -12.61 4.85 10.49
N TRP D 170 -13.26 4.49 9.41
CA TRP D 170 -12.67 3.62 8.41
C TRP D 170 -12.94 4.21 7.03
N LYS D 171 -11.85 4.56 6.34
CA LYS D 171 -11.94 5.13 5.01
C LYS D 171 -11.30 4.17 4.03
N GLN D 172 -12.00 3.90 2.94
CA GLN D 172 -11.48 3.00 1.94
C GLN D 172 -12.11 3.34 0.60
N ASP D 173 -11.39 3.06 -0.47
CA ASP D 173 -11.88 3.33 -1.81
C ASP D 173 -12.70 2.14 -2.29
N LEU D 174 -13.59 2.39 -3.25
CA LEU D 174 -14.50 1.38 -3.79
C LEU D 174 -13.86 0.05 -4.15
N HIS D 175 -12.81 0.10 -4.95
CA HIS D 175 -12.11 -1.09 -5.38
C HIS D 175 -11.74 -1.97 -4.18
N ASN D 176 -11.03 -1.39 -3.22
CA ASN D 176 -10.66 -2.17 -2.06
C ASN D 176 -11.86 -2.54 -1.23
N LEU D 177 -12.85 -1.66 -1.18
CA LEU D 177 -14.07 -1.92 -0.41
C LEU D 177 -14.78 -3.16 -0.99
N PHE D 178 -14.84 -3.28 -2.30
CA PHE D 178 -15.49 -4.44 -2.90
C PHE D 178 -14.68 -5.68 -2.49
N HIS D 179 -13.36 -5.54 -2.45
CA HIS D 179 -12.46 -6.62 -2.07
C HIS D 179 -12.84 -7.09 -0.67
N PHE D 180 -12.90 -6.14 0.26
CA PHE D 180 -13.29 -6.42 1.64
C PHE D 180 -14.65 -7.11 1.74
N LEU D 181 -15.63 -6.62 0.98
CA LEU D 181 -16.97 -7.21 1.00
C LEU D 181 -16.98 -8.62 0.43
N LYS D 182 -16.27 -8.83 -0.67
CA LYS D 182 -16.20 -10.15 -1.27
C LYS D 182 -15.69 -11.18 -0.26
N LEU D 183 -14.70 -10.80 0.53
CA LEU D 183 -14.13 -11.71 1.51
C LEU D 183 -14.98 -11.89 2.76
N ARG D 184 -15.44 -10.78 3.33
CA ARG D 184 -16.21 -10.84 4.56
C ARG D 184 -17.71 -11.12 4.45
N LEU D 185 -18.21 -11.18 3.23
CA LEU D 185 -19.63 -11.49 3.01
C LEU D 185 -19.73 -13.01 2.90
N ALA D 186 -18.61 -13.63 2.51
CA ALA D 186 -18.52 -15.07 2.34
C ALA D 186 -18.93 -15.86 3.57
N PRO D 187 -19.52 -17.04 3.37
CA PRO D 187 -19.94 -17.85 4.50
C PRO D 187 -18.74 -18.29 5.34
N GLU D 188 -17.58 -18.44 4.71
CA GLU D 188 -16.35 -18.85 5.40
C GLU D 188 -15.93 -17.81 6.43
N ALA D 189 -16.41 -16.58 6.25
CA ALA D 189 -16.10 -15.49 7.17
C ALA D 189 -16.91 -15.61 8.46
N GLN D 190 -16.38 -15.10 9.56
CA GLN D 190 -17.12 -15.18 10.81
C GLN D 190 -18.40 -14.35 10.76
N TRP D 191 -19.49 -14.98 11.21
CA TRP D 191 -20.83 -14.39 11.25
C TRP D 191 -20.85 -12.94 11.70
N GLU D 192 -20.23 -12.64 12.85
CA GLU D 192 -20.21 -11.27 13.37
C GLU D 192 -19.79 -10.24 12.32
N ILE D 193 -18.64 -10.47 11.67
CA ILE D 193 -18.18 -9.50 10.70
C ILE D 193 -19.01 -9.56 9.43
N ARG D 194 -19.61 -10.71 9.11
CA ARG D 194 -20.45 -10.79 7.90
C ARG D 194 -21.54 -9.75 8.04
N GLN D 195 -22.11 -9.68 9.22
CA GLN D 195 -23.19 -8.73 9.51
C GLN D 195 -22.72 -7.31 9.22
N TYR D 196 -21.52 -6.99 9.70
CA TYR D 196 -21.02 -5.66 9.46
C TYR D 196 -20.85 -5.45 7.96
N ALA D 197 -20.37 -6.49 7.29
CA ALA D 197 -20.17 -6.41 5.84
C ALA D 197 -21.51 -6.18 5.16
N ARG D 198 -22.55 -6.86 5.65
CA ARG D 198 -23.89 -6.74 5.10
C ARG D 198 -24.40 -5.30 5.22
N ALA D 199 -24.15 -4.69 6.37
CA ALA D 199 -24.58 -3.31 6.58
C ALA D 199 -23.86 -2.40 5.58
N ILE D 200 -22.56 -2.62 5.44
CA ILE D 200 -21.77 -1.83 4.52
C ILE D 200 -22.27 -2.07 3.11
N ALA D 201 -22.53 -3.33 2.77
CA ALA D 201 -23.03 -3.66 1.45
C ALA D 201 -24.32 -2.88 1.13
N GLU D 202 -25.20 -2.76 2.11
CA GLU D 202 -26.44 -2.02 1.91
C GLU D 202 -26.17 -0.57 1.54
N ILE D 203 -25.41 0.11 2.40
CA ILE D 203 -25.07 1.50 2.16
C ILE D 203 -24.44 1.69 0.78
N VAL D 204 -23.49 0.83 0.44
CA VAL D 204 -22.83 0.93 -0.84
C VAL D 204 -23.79 0.64 -1.99
N LYS D 205 -24.69 -0.33 -1.82
CA LYS D 205 -25.63 -0.65 -2.88
C LYS D 205 -26.51 0.57 -3.17
N GLU D 206 -26.81 1.33 -2.12
CA GLU D 206 -27.64 2.50 -2.26
C GLU D 206 -26.96 3.67 -3.01
N ARG D 207 -25.70 3.95 -2.67
CA ARG D 207 -24.97 5.07 -3.26
C ARG D 207 -24.34 4.89 -4.65
N VAL D 208 -23.86 3.69 -4.97
CA VAL D 208 -23.27 3.45 -6.29
C VAL D 208 -23.91 2.20 -6.83
N PRO D 209 -25.22 2.29 -7.17
CA PRO D 209 -26.03 1.20 -7.71
C PRO D 209 -25.43 0.51 -8.90
N LEU D 210 -24.90 1.28 -9.83
CA LEU D 210 -24.33 0.70 -11.03
C LEU D 210 -23.06 -0.10 -10.77
N ALA D 211 -22.23 0.39 -9.85
CA ALA D 211 -20.99 -0.30 -9.52
C ALA D 211 -21.36 -1.54 -8.75
N TRP D 212 -22.32 -1.43 -7.84
CA TRP D 212 -22.75 -2.58 -7.06
C TRP D 212 -23.33 -3.68 -7.94
N ALA D 213 -24.20 -3.30 -8.87
CA ALA D 213 -24.79 -4.29 -9.74
C ALA D 213 -23.68 -5.06 -10.46
N ALA D 214 -22.69 -4.33 -10.97
CA ALA D 214 -21.58 -4.95 -11.66
C ALA D 214 -20.83 -5.87 -10.70
N PHE D 215 -20.58 -5.37 -9.49
CA PHE D 215 -19.88 -6.15 -8.48
C PHE D 215 -20.59 -7.47 -8.22
N GLU D 216 -21.86 -7.37 -7.89
CA GLU D 216 -22.71 -8.52 -7.59
C GLU D 216 -22.67 -9.57 -8.70
N GLU D 217 -22.75 -9.09 -9.93
CA GLU D 217 -22.74 -9.95 -11.10
C GLU D 217 -21.39 -10.60 -11.42
N HIS D 218 -20.33 -9.81 -11.37
CA HIS D 218 -19.02 -10.32 -11.72
C HIS D 218 -18.05 -10.69 -10.59
N LEU D 219 -18.52 -10.77 -9.36
CA LEU D 219 -17.60 -11.13 -8.30
C LEU D 219 -18.23 -11.73 -7.07
N LEU D 220 -19.14 -11.00 -6.44
CA LEU D 220 -19.79 -11.50 -5.25
C LEU D 220 -20.55 -12.79 -5.53
N GLU D 221 -21.39 -12.76 -6.56
CA GLU D 221 -22.19 -13.92 -6.92
C GLU D 221 -21.57 -14.71 -8.05
N GLY D 222 -20.36 -14.32 -8.44
CA GLY D 222 -19.66 -15.06 -9.47
C GLY D 222 -18.85 -16.10 -8.72
N ALA D 223 -17.87 -16.69 -9.38
CA ALA D 223 -17.02 -17.67 -8.72
C ALA D 223 -15.81 -17.96 -9.59
N PHE D 224 -14.76 -18.50 -8.97
CA PHE D 224 -13.53 -18.81 -9.70
C PHE D 224 -13.35 -20.33 -9.84
N LEU D 225 -13.30 -20.80 -11.09
CA LEU D 225 -13.16 -22.22 -11.36
C LEU D 225 -11.75 -22.59 -11.81
N SER D 226 -11.25 -23.69 -11.26
CA SER D 226 -9.91 -24.17 -11.55
C SER D 226 -9.87 -24.77 -12.94
N ARG D 227 -8.69 -25.24 -13.32
CA ARG D 227 -8.47 -25.84 -14.61
C ARG D 227 -9.22 -27.16 -14.74
N THR D 228 -9.12 -28.02 -13.73
CA THR D 228 -9.79 -29.31 -13.76
C THR D 228 -11.31 -29.09 -13.81
N GLU D 229 -11.80 -28.08 -13.11
CA GLU D 229 -13.22 -27.77 -13.09
C GLU D 229 -13.72 -27.45 -14.50
N LEU D 230 -13.04 -26.54 -15.19
CA LEU D 230 -13.43 -26.18 -16.56
C LEU D 230 -13.24 -27.39 -17.45
N ARG D 231 -12.32 -28.26 -17.08
CA ARG D 231 -12.07 -29.46 -17.83
C ARG D 231 -13.32 -30.31 -17.70
N ALA D 232 -13.93 -30.28 -16.51
CA ALA D 232 -15.14 -31.04 -16.27
C ALA D 232 -16.27 -30.49 -17.12
N LEU D 233 -16.58 -29.21 -16.95
CA LEU D 233 -17.64 -28.55 -17.71
C LEU D 233 -17.47 -28.87 -19.20
N ARG D 234 -16.27 -28.62 -19.72
CA ARG D 234 -15.99 -28.91 -21.11
C ARG D 234 -16.01 -30.43 -21.13
N GLY D 235 -16.91 -31.02 -21.90
CA GLY D 235 -16.99 -32.47 -21.94
C GLY D 235 -18.37 -32.87 -21.46
N LEU D 236 -18.77 -32.36 -20.31
CA LEU D 236 -20.10 -32.62 -19.77
C LEU D 236 -21.09 -31.87 -20.66
N LEU D 237 -20.62 -30.75 -21.21
CA LEU D 237 -21.41 -29.90 -22.08
C LEU D 237 -20.81 -29.85 -23.48
N THR D 238 -21.35 -28.94 -24.27
CA THR D 238 -20.92 -28.72 -25.64
C THR D 238 -21.11 -27.24 -25.92
N PRO D 239 -20.29 -26.66 -26.80
CA PRO D 239 -20.41 -25.23 -27.12
C PRO D 239 -21.86 -24.79 -27.39
N GLU D 240 -22.42 -25.27 -28.49
CA GLU D 240 -23.77 -24.93 -28.90
C GLU D 240 -24.78 -24.94 -27.74
N VAL D 241 -24.72 -25.98 -26.90
CA VAL D 241 -25.65 -26.08 -25.77
C VAL D 241 -25.42 -24.97 -24.74
N TYR D 242 -24.20 -24.90 -24.23
CA TYR D 242 -23.85 -23.89 -23.24
C TYR D 242 -24.28 -22.51 -23.75
N GLU D 243 -24.14 -22.31 -25.06
CA GLU D 243 -24.52 -21.03 -25.67
C GLU D 243 -26.00 -20.71 -25.50
N LYS D 244 -26.84 -21.72 -25.69
CA LYS D 244 -28.29 -21.53 -25.56
C LYS D 244 -28.67 -21.18 -24.13
N ALA D 245 -28.14 -21.91 -23.15
CA ALA D 245 -28.44 -21.61 -21.76
C ALA D 245 -27.96 -20.19 -21.45
N LEU D 246 -26.74 -19.88 -21.87
CA LEU D 246 -26.17 -18.55 -21.63
C LEU D 246 -27.02 -17.48 -22.30
N SER D 247 -27.25 -17.63 -23.60
CA SER D 247 -28.06 -16.67 -24.36
C SER D 247 -29.45 -16.55 -23.73
N SER D 248 -29.99 -17.68 -23.30
CA SER D 248 -31.30 -17.71 -22.67
C SER D 248 -31.43 -16.62 -21.62
N LEU D 249 -30.59 -16.71 -20.60
CA LEU D 249 -30.58 -15.77 -19.49
C LEU D 249 -30.20 -14.33 -19.87
N GLY D 250 -29.87 -14.10 -21.14
CA GLY D 250 -29.53 -12.75 -21.57
C GLY D 250 -28.16 -12.54 -22.16
N LEU D 251 -27.23 -13.46 -21.93
CA LEU D 251 -25.89 -13.29 -22.47
C LEU D 251 -25.83 -13.29 -23.98
N GLY D 252 -25.19 -12.25 -24.50
CA GLY D 252 -25.03 -12.10 -25.93
C GLY D 252 -24.00 -11.01 -26.14
N GLY D 253 -23.07 -11.23 -27.05
CA GLY D 253 -22.06 -10.23 -27.29
C GLY D 253 -20.71 -10.68 -26.76
N SER D 254 -19.88 -9.73 -26.37
CA SER D 254 -18.55 -10.06 -25.86
C SER D 254 -18.61 -10.97 -24.64
N ARG D 255 -19.62 -10.79 -23.79
CA ARG D 255 -19.75 -11.62 -22.60
C ARG D 255 -20.00 -13.07 -22.99
N LEU D 256 -20.95 -13.29 -23.89
CA LEU D 256 -21.25 -14.65 -24.35
C LEU D 256 -20.00 -15.22 -25.00
N LYS D 257 -19.33 -14.39 -25.80
CA LYS D 257 -18.10 -14.79 -26.46
C LYS D 257 -17.16 -15.29 -25.38
N GLU D 258 -16.81 -14.39 -24.47
CA GLU D 258 -15.93 -14.69 -23.35
C GLU D 258 -16.40 -15.96 -22.62
N ALA D 259 -17.57 -15.88 -22.00
CA ALA D 259 -18.14 -17.00 -21.26
C ALA D 259 -17.88 -18.33 -21.95
N LEU D 260 -18.05 -18.35 -23.27
CA LEU D 260 -17.85 -19.55 -24.07
C LEU D 260 -16.39 -19.94 -24.18
N GLU D 261 -15.55 -18.95 -24.39
CA GLU D 261 -14.11 -19.19 -24.52
C GLU D 261 -13.50 -19.68 -23.20
N LYS D 262 -14.08 -19.28 -22.06
CA LYS D 262 -13.56 -19.72 -20.75
C LYS D 262 -13.66 -21.23 -20.59
N VAL D 263 -14.53 -21.85 -21.38
CA VAL D 263 -14.70 -23.30 -21.27
C VAL D 263 -14.23 -24.06 -22.50
N PHE D 264 -14.43 -23.47 -23.68
CA PHE D 264 -14.06 -24.13 -24.92
C PHE D 264 -12.99 -23.38 -25.70
N GLY D 265 -11.83 -23.19 -25.10
CA GLY D 265 -10.74 -22.50 -25.76
C GLY D 265 -11.17 -21.15 -26.31
PA FAD E . -5.82 -5.88 1.80
O1A FAD E . -5.09 -5.90 3.11
O2A FAD E . -6.85 -4.63 1.80
O5B FAD E . -4.74 -5.70 0.64
C5B FAD E . -5.38 -5.87 -0.62
C4B FAD E . -4.30 -6.13 -1.67
O4B FAD E . -3.39 -4.99 -1.73
C3B FAD E . -3.46 -7.34 -1.31
O3B FAD E . -3.99 -8.55 -1.83
C2B FAD E . -2.09 -6.99 -1.86
O2B FAD E . -2.01 -7.37 -3.23
C1B FAD E . -2.00 -5.45 -1.65
N9A FAD E . -1.38 -5.05 -0.36
C8A FAD E . -1.98 -4.34 0.66
N7A FAD E . -1.17 -4.17 1.64
C5A FAD E . 0.02 -4.73 1.35
C6A FAD E . 1.26 -4.86 2.03
N6A FAD E . 1.44 -4.31 3.29
N1A FAD E . 2.28 -5.53 1.41
C2A FAD E . 2.12 -6.07 0.19
N3A FAD E . 0.97 -5.97 -0.47
C4A FAD E . -0.10 -5.33 0.06
N1 FAD E . -4.82 -14.03 8.35
C2 FAD E . -4.04 -14.39 9.38
O2 FAD E . -3.31 -13.54 9.87
N3 FAD E . -4.03 -15.65 9.89
C4 FAD E . -4.82 -16.65 9.39
O4 FAD E . -4.80 -17.77 9.86
C4X FAD E . -5.71 -16.31 8.23
N5 FAD E . -6.51 -17.20 7.65
C5X FAD E . -7.31 -16.86 6.60
C6 FAD E . -8.17 -17.85 6.00
C7 FAD E . -8.99 -17.52 4.92
C7M FAD E . -9.86 -18.60 4.33
C8 FAD E . -8.99 -16.18 4.39
C8M FAD E . -9.88 -15.82 3.23
C9 FAD E . -8.17 -15.19 4.97
C9A FAD E . -7.31 -15.50 6.07
N10 FAD E . -6.46 -14.53 6.67
C10 FAD E . -5.65 -14.90 7.74
C1' FAD E . -6.42 -13.12 6.21
C2' FAD E . -5.50 -12.92 4.99
O2' FAD E . -4.24 -13.54 5.19
C3' FAD E . -5.34 -11.40 4.72
O3' FAD E . -4.61 -10.77 5.79
C4' FAD E . -6.71 -10.69 4.56
O4' FAD E . -7.65 -11.56 3.88
C5' FAD E . -6.55 -9.42 3.74
O5' FAD E . -6.50 -9.78 2.36
P FAD E . -5.75 -8.62 1.55
O1P FAD E . -4.40 -8.40 2.14
O2P FAD E . -5.63 -9.09 0.03
O3P FAD E . -6.68 -7.26 1.60
P PO4 F . -1.57 -0.04 -19.09
O1 PO4 F . -1.52 -1.38 -19.74
O2 PO4 F . -2.59 0.79 -19.77
O3 PO4 F . -0.23 0.61 -19.21
O4 PO4 F . -1.92 -0.18 -17.66
P PO4 G . 13.81 10.31 -13.96
O1 PO4 G . 14.33 9.47 -15.08
O2 PO4 G . 12.45 9.86 -13.60
O3 PO4 G . 14.70 10.17 -12.77
O4 PO4 G . 13.77 11.72 -14.38
P PO4 H . -1.43 2.81 18.85
O1 PO4 H . -0.41 2.30 17.90
O2 PO4 H . -2.32 3.77 18.14
O3 PO4 H . -0.77 3.48 19.99
O4 PO4 H . -2.24 1.67 19.35
P PO4 I . -9.23 -14.11 14.19
O1 PO4 I . -9.20 -15.06 13.05
O2 PO4 I . -8.44 -12.90 13.86
O3 PO4 I . -8.66 -14.76 15.40
O4 PO4 I . -10.64 -13.72 14.47
PA FAD J . 5.14 6.92 -2.00
O1A FAD J . 5.31 6.11 -3.23
O2A FAD J . 3.72 7.67 -2.04
O5B FAD J . 5.21 5.94 -0.72
C5B FAD J . 5.03 6.69 0.48
C4B FAD J . 5.32 5.77 1.66
O4B FAD J . 4.28 4.76 1.76
C3B FAD J . 6.64 5.01 1.50
O3B FAD J . 7.74 5.76 2.01
C2B FAD J . 6.38 3.72 2.27
O2B FAD J . 6.63 3.90 3.67
C1B FAD J . 4.89 3.43 1.96
N9A FAD J . 4.72 2.59 0.73
C8A FAD J . 4.03 2.91 -0.42
N7A FAD J . 4.09 1.94 -1.28
C5A FAD J . 4.82 0.91 -0.76
C6A FAD J . 5.21 -0.38 -1.20
N6A FAD J . 4.84 -0.86 -2.45
N1A FAD J . 5.95 -1.16 -0.38
C2A FAD J . 6.33 -0.74 0.84
N3A FAD J . 5.98 0.47 1.30
C4A FAD J . 5.23 1.32 0.55
N1 FAD J . 13.94 6.69 -7.76
C2 FAD J . 14.54 5.91 -8.66
O2 FAD J . 13.91 4.96 -9.10
N3 FAD J . 15.81 6.13 -9.11
C4 FAD J . 16.57 7.19 -8.64
O4 FAD J . 17.71 7.37 -9.05
C4X FAD J . 15.95 8.09 -7.62
N5 FAD J . 16.58 9.13 -7.09
C5X FAD J . 15.99 9.95 -6.16
C6 FAD J . 16.72 11.06 -5.61
C7 FAD J . 16.13 11.89 -4.65
C7M FAD J . 16.94 13.05 -4.09
C8 FAD J . 14.79 11.65 -4.20
C8M FAD J . 14.12 12.53 -3.17
C9 FAD J . 14.05 10.56 -4.73
C9A FAD J . 14.64 9.68 -5.71
N10 FAD J . 13.92 8.56 -6.26
C10 FAD J . 14.55 7.76 -7.20
C1' FAD J . 12.53 8.22 -5.88
C2' FAD J . 12.36 7.71 -4.42
O2' FAD J . 13.22 6.59 -4.15
C3' FAD J . 10.87 7.36 -4.19
O3' FAD J . 10.45 6.34 -5.13
C4' FAD J . 9.97 8.60 -4.38
O4' FAD J . 10.59 9.77 -3.84
C5' FAD J . 8.65 8.37 -3.68
O5' FAD J . 8.87 8.44 -2.27
P FAD J . 7.79 7.50 -1.55
O1P FAD J . 7.99 6.09 -1.97
O2P FAD J . 8.01 7.65 0.04
O3P FAD J . 6.30 8.08 -1.93
PA FAD K . 2.44 2.57 7.95
O1A FAD K . 1.14 1.97 8.35
O2A FAD K . 3.51 1.38 7.70
O5B FAD K . 2.23 3.41 6.60
C5B FAD K . 3.44 4.07 6.24
C4B FAD K . 3.11 5.12 5.17
O4B FAD K . 2.69 4.46 3.96
C3B FAD K . 1.95 6.01 5.60
O3B FAD K . 2.35 7.13 6.39
C2B FAD K . 1.32 6.40 4.26
O2B FAD K . 2.01 7.53 3.72
C1B FAD K . 1.51 5.13 3.41
N9A FAD K . 0.30 4.24 3.46
C8A FAD K . 0.23 2.97 3.98
N7A FAD K . -0.97 2.49 3.86
C5A FAD K . -1.77 3.40 3.25
C6A FAD K . -3.14 3.44 2.85
N6A FAD K . -3.99 2.37 3.09
N1A FAD K . -3.61 4.56 2.25
C2A FAD K . -2.82 5.62 2.01
N3A FAD K . -1.52 5.62 2.37
C4A FAD K . -0.97 4.54 2.98
N1 FAD K . -4.09 5.67 15.72
C2 FAD K . -5.40 5.55 15.98
O2 FAD K . -6.06 4.75 15.33
N3 FAD K . -6.04 6.27 16.95
C4 FAD K . -5.35 7.19 17.73
O4 FAD K . -5.93 7.84 18.59
C4X FAD K . -3.89 7.37 17.48
N5 FAD K . -3.13 8.22 18.16
C5X FAD K . -1.80 8.37 17.91
C6 FAD K . -1.02 9.31 18.68
C7 FAD K . 0.33 9.47 18.43
C7M FAD K . 1.10 10.47 19.27
C8 FAD K . 0.99 8.71 17.41
C8M FAD K . 2.48 8.88 17.13
C9 FAD K . 0.26 7.78 16.64
C9A FAD K . -1.14 7.59 16.86
N10 FAD K . -1.92 6.64 16.10
C10 FAD K . -3.29 6.52 16.38
C1' FAD K . -1.32 5.80 15.03
C2' FAD K . -0.93 6.59 13.75
O2' FAD K . -2.00 7.42 13.32
C3' FAD K . -0.53 5.61 12.63
O3' FAD K . -1.61 4.71 12.36
C4' FAD K . 0.76 4.81 13.01
O4' FAD K . 1.74 5.66 13.61
C5' FAD K . 1.36 4.16 11.76
O5' FAD K . 2.18 5.11 11.08
P FAD K . 2.11 4.84 9.49
O1P FAD K . 0.68 4.65 9.07
O2P FAD K . 2.74 6.11 8.74
O3P FAD K . 3.03 3.52 9.17
P PO4 L . -0.34 2.54 -21.73
O1 PO4 L . 0.90 1.86 -22.19
O2 PO4 L . -0.54 3.78 -22.52
O3 PO4 L . -0.23 2.89 -20.29
O4 PO4 L . -1.51 1.63 -21.93
P PO4 M . 12.68 10.55 -9.93
O1 PO4 M . 13.93 9.73 -9.97
O2 PO4 M . 12.09 10.48 -8.57
O3 PO4 M . 11.72 10.02 -10.92
O4 PO4 M . 13.00 11.97 -10.25
PA FAD N . -1.05 -3.21 -7.94
O1A FAD N . -0.67 -1.82 -8.32
O2A FAD N . 0.30 -4.06 -7.64
O5B FAD N . -1.94 -3.16 -6.60
C5B FAD N . -2.47 -4.45 -6.32
C4B FAD N . -3.61 -4.27 -5.33
O4B FAD N . -3.09 -3.66 -4.11
C3B FAD N . -4.65 -3.30 -5.87
O3B FAD N . -5.65 -3.94 -6.66
C2B FAD N . -5.21 -2.64 -4.62
O2B FAD N . -6.29 -3.42 -4.09
C1B FAD N . -3.99 -2.59 -3.66
N9A FAD N . -3.28 -1.27 -3.67
C8A FAD N . -1.94 -1.07 -3.90
N7A FAD N . -1.64 0.20 -3.83
C5A FAD N . -2.76 0.91 -3.54
C6A FAD N . -3.05 2.29 -3.34
N6A FAD N . -2.05 3.25 -3.44
N1A FAD N . -4.32 2.66 -3.05
C2A FAD N . -5.30 1.75 -2.96
N3A FAD N . -5.07 0.44 -3.14
C4A FAD N . -3.84 -0.02 -3.43
N1 FAD N . -4.64 2.10 -16.49
C2 FAD N . -4.78 3.37 -16.93
O2 FAD N . -4.24 4.26 -16.30
N3 FAD N . -5.50 3.69 -18.03
C4 FAD N . -6.14 2.74 -18.79
O4 FAD N . -6.79 3.05 -19.78
C4X FAD N . -6.02 1.31 -18.36
N5 FAD N . -6.60 0.30 -19.01
C5X FAD N . -6.48 -0.99 -18.59
C6 FAD N . -7.13 -2.05 -19.33
C7 FAD N . -7.02 -3.37 -18.92
C7M FAD N . -7.72 -4.44 -19.72
C8 FAD N . -6.25 -3.71 -17.74
C8M FAD N . -6.13 -5.13 -17.28
C9 FAD N . -5.60 -2.70 -17.01
C9A FAD N . -5.70 -1.33 -17.41
N10 FAD N . -5.05 -0.27 -16.68
C10 FAD N . -5.20 1.05 -17.13
C1' FAD N . -4.24 -0.52 -15.46
C2' FAD N . -5.08 -0.77 -14.19
O2' FAD N . -5.99 0.31 -13.95
C3' FAD N . -4.14 -0.94 -12.96
O3' FAD N . -3.45 0.29 -12.70
C4' FAD N . -3.09 -2.07 -13.21
O4' FAD N . -3.71 -3.21 -13.85
C5' FAD N . -2.48 -2.52 -11.88
O5' FAD N . -3.42 -3.36 -11.22
P FAD N . -3.24 -3.20 -9.62
O1P FAD N . -3.25 -1.75 -9.23
O2P FAD N . -4.47 -3.97 -8.93
O3P FAD N . -1.84 -3.94 -9.18
P PO4 O . -4.42 1.72 21.44
O1 PO4 O . -3.39 0.72 21.80
O2 PO4 O . -4.81 1.56 20.03
O3 PO4 O . -3.88 3.08 21.65
O4 PO4 O . -5.62 1.53 22.30
P PO4 P . -9.02 -13.29 9.94
O1 PO4 P . -7.99 -14.34 10.11
O2 PO4 P . -8.90 -12.31 11.05
O3 PO4 P . -10.38 -13.91 9.96
O4 PO4 P . -8.81 -12.60 8.64
#